data_9D7L
#
_entry.id   9D7L
#
_cell.length_a   48.528
_cell.length_b   54.242
_cell.length_c   75.600
_cell.angle_alpha   103.96
_cell.angle_beta   100.27
_cell.angle_gamma   109.32
#
_symmetry.space_group_name_H-M   'P 1'
#
loop_
_entity.id
_entity.type
_entity.pdbx_description
1 polymer 'Bifunctional protein PutA'
2 non-polymer '{[(3E)-4-{10-[(2S,3S,4R)-5-{[(R)-{[(R)-{[(2R,3S,4R,5R)-5-(6-amino-9H-purin-9-yl)-3,4-dihydroxyoxolan-2-yl]methoxy}(hydroxy)phosphoryl]oxy}(hydroxy)phosphoryl]oxy}-2,3,4-trihydroxypentyl]-7,8-dimethyl-2,4-dioxo-2,3,4,10-tetrahydrobenzo[g]pteridin-5(1H)-yl}but-3-en-2-ylidene]amino}acetic acid (non-preferred name)'
3 non-polymer 'FORMIC ACID'
4 water water
#
_entity_poly.entity_id   1
_entity_poly.type   'polypeptide(L)'
_entity_poly.pdbx_seq_one_letter_code
;SRPQSTLRRAITAAYRRPETECLPPLVEAATQSKEIRDAAASTARKLIEALRGKHSGSGSSGSMMGEQFVTGETIREALK
RSKELEEKGFSYSYDMLGEAATTAADAERYYRDYESAIHAIGKASAGRGIYEGPGISIKLSALHPRYSRAQAARVMGELL
PRVKALALLAKNYDIGLNIDAEEADRLELSLDLLEVLCLDGDLSGWNGMGFVVQAYGKRCPFVLDFIIDLARRSGRRIMV
RLVKGAYWDAEIKRAQLDGLADFPVFTRKIHTDVSYIACAAKLLAATDVVFPQFATHNAQTLAAIYHMAGKDFHVGKYEF
QCLHGMGEPLYEEVVGRGKLDRPCRIYAPVGTHETLLAYLVRRLLENGANSSFVHRINDPKVSIDELIADPVEVVR
;
_entity_poly.pdbx_strand_id   A,B
#
# COMPACT_ATOMS: atom_id res chain seq x y z
N PRO A 3 8.08 -7.26 -37.21
CA PRO A 3 7.15 -7.87 -36.25
C PRO A 3 6.01 -6.92 -35.87
N GLN A 4 5.24 -6.47 -36.86
CA GLN A 4 4.20 -5.48 -36.64
C GLN A 4 2.90 -5.92 -37.33
N SER A 5 2.42 -7.12 -36.98
CA SER A 5 1.23 -7.66 -37.60
C SER A 5 0.02 -6.76 -37.32
N THR A 6 -1.06 -6.99 -38.08
CA THR A 6 -2.26 -6.18 -37.89
C THR A 6 -2.84 -6.36 -36.49
N LEU A 7 -2.73 -7.56 -35.91
CA LEU A 7 -3.16 -7.73 -34.53
C LEU A 7 -2.27 -6.96 -33.57
N ARG A 8 -0.95 -6.99 -33.79
CA ARG A 8 -0.02 -6.29 -32.90
C ARG A 8 -0.16 -4.78 -33.06
N ARG A 9 -0.40 -4.30 -34.29
CA ARG A 9 -0.64 -2.88 -34.49
C ARG A 9 -1.91 -2.42 -33.78
N ALA A 10 -2.93 -3.28 -33.75
CA ALA A 10 -4.17 -2.92 -33.06
C ALA A 10 -3.94 -2.79 -31.57
N ILE A 11 -3.12 -3.66 -30.98
CA ILE A 11 -2.77 -3.51 -29.58
C ILE A 11 -2.06 -2.18 -29.34
N THR A 12 -1.02 -1.91 -30.12
CA THR A 12 -0.23 -0.70 -29.90
C THR A 12 -1.06 0.56 -30.14
N ALA A 13 -2.06 0.48 -31.01
CA ALA A 13 -2.90 1.63 -31.31
C ALA A 13 -3.93 1.95 -30.23
N ALA A 14 -4.24 0.99 -29.37
CA ALA A 14 -5.22 1.18 -28.31
C ALA A 14 -4.60 1.68 -27.01
N TYR A 15 -3.26 1.75 -26.96
CA TYR A 15 -2.52 1.94 -25.71
C TYR A 15 -3.11 3.06 -24.88
N ARG A 16 -3.25 4.23 -25.48
CA ARG A 16 -3.82 5.39 -24.80
C ARG A 16 -4.98 5.95 -25.60
N ARG A 17 -5.73 5.07 -26.26
CA ARG A 17 -6.91 5.51 -26.98
C ARG A 17 -7.87 6.19 -26.01
N PRO A 18 -8.51 7.29 -26.41
CA PRO A 18 -9.47 7.95 -25.54
C PRO A 18 -10.50 6.99 -24.99
N GLU A 19 -10.74 7.07 -23.67
CA GLU A 19 -11.68 6.16 -23.03
C GLU A 19 -13.05 6.20 -23.69
N THR A 20 -13.50 7.40 -24.10
CA THR A 20 -14.81 7.52 -24.72
C THR A 20 -14.92 6.68 -25.98
N GLU A 21 -13.83 6.58 -26.75
CA GLU A 21 -13.84 5.78 -27.97
C GLU A 21 -13.64 4.30 -27.71
N CYS A 22 -13.04 3.93 -26.59
CA CYS A 22 -12.86 2.51 -26.29
C CYS A 22 -14.18 1.84 -25.97
N LEU A 23 -15.17 2.60 -25.53
CA LEU A 23 -16.32 1.98 -24.86
C LEU A 23 -17.34 1.35 -25.81
N PRO A 24 -17.78 2.01 -26.88
CA PRO A 24 -18.88 1.47 -27.69
C PRO A 24 -18.63 0.06 -28.16
N PRO A 25 -17.45 -0.29 -28.69
CA PRO A 25 -17.22 -1.71 -29.01
C PRO A 25 -17.36 -2.63 -27.81
N LEU A 26 -16.93 -2.18 -26.64
CA LEU A 26 -17.03 -3.01 -25.45
C LEU A 26 -18.47 -3.14 -25.00
N VAL A 27 -19.21 -2.03 -24.96
CA VAL A 27 -20.61 -2.05 -24.58
C VAL A 27 -21.39 -3.01 -25.48
N GLU A 28 -21.13 -2.95 -26.80
CA GLU A 28 -21.84 -3.83 -27.73
C GLU A 28 -21.42 -5.29 -27.55
N ALA A 29 -20.11 -5.54 -27.43
CA ALA A 29 -19.64 -6.90 -27.21
C ALA A 29 -20.04 -7.44 -25.84
N ALA A 30 -20.37 -6.56 -24.88
CA ALA A 30 -20.76 -6.99 -23.55
C ALA A 30 -22.26 -7.09 -23.36
N THR A 31 -23.07 -6.66 -24.32
CA THR A 31 -24.51 -6.75 -24.18
C THR A 31 -24.95 -8.19 -24.42
N GLN A 32 -25.69 -8.75 -23.47
CA GLN A 32 -26.24 -10.08 -23.57
C GLN A 32 -27.76 -9.99 -23.77
N SER A 33 -28.34 -11.11 -24.19
CA SER A 33 -29.79 -11.15 -24.39
C SER A 33 -30.52 -10.89 -23.07
N LYS A 34 -31.78 -10.48 -23.18
CA LYS A 34 -32.60 -10.31 -21.99
C LYS A 34 -32.68 -11.60 -21.18
N GLU A 35 -32.80 -12.75 -21.85
CA GLU A 35 -32.92 -14.01 -21.15
C GLU A 35 -31.67 -14.31 -20.34
N ILE A 36 -30.49 -14.08 -20.93
CA ILE A 36 -29.23 -14.30 -20.22
C ILE A 36 -29.07 -13.29 -19.09
N ARG A 37 -29.46 -12.03 -19.34
CA ARG A 37 -29.34 -11.02 -18.29
C ARG A 37 -30.23 -11.37 -17.10
N ASP A 38 -31.46 -11.80 -17.39
CA ASP A 38 -32.39 -12.17 -16.32
C ASP A 38 -31.87 -13.36 -15.54
N ALA A 39 -31.36 -14.38 -16.25
CA ALA A 39 -30.86 -15.56 -15.56
C ALA A 39 -29.60 -15.24 -14.74
N ALA A 40 -28.73 -14.38 -15.28
CA ALA A 40 -27.54 -13.95 -14.54
C ALA A 40 -27.89 -13.12 -13.33
N ALA A 41 -28.94 -12.30 -13.43
CA ALA A 41 -29.36 -11.53 -12.26
C ALA A 41 -29.89 -12.47 -11.18
N SER A 42 -30.59 -13.52 -11.58
CA SER A 42 -31.11 -14.47 -10.61
C SER A 42 -29.98 -15.23 -9.93
N THR A 43 -29.03 -15.74 -10.71
CA THR A 43 -27.86 -16.41 -10.13
C THR A 43 -27.07 -15.46 -9.23
N ALA A 44 -26.80 -14.25 -9.71
CA ALA A 44 -26.07 -13.27 -8.91
C ALA A 44 -26.78 -12.97 -7.60
N ARG A 45 -28.11 -12.82 -7.64
CA ARG A 45 -28.84 -12.58 -6.40
C ARG A 45 -28.67 -13.74 -5.43
N LYS A 46 -28.83 -14.97 -5.92
CA LYS A 46 -28.67 -16.15 -5.07
C LYS A 46 -27.28 -16.23 -4.47
N LEU A 47 -26.24 -15.98 -5.28
CA LEU A 47 -24.87 -15.97 -4.76
C LEU A 47 -24.68 -14.89 -3.70
N ILE A 48 -25.20 -13.68 -3.98
CA ILE A 48 -25.03 -12.57 -3.04
C ILE A 48 -25.82 -12.81 -1.77
N GLU A 49 -27.01 -13.41 -1.88
CA GLU A 49 -27.78 -13.71 -0.68
C GLU A 49 -27.07 -14.77 0.17
N ALA A 50 -26.43 -15.75 -0.48
CA ALA A 50 -25.59 -16.67 0.27
C ALA A 50 -24.38 -15.96 0.86
N LEU A 51 -23.78 -15.04 0.10
CA LEU A 51 -22.59 -14.34 0.60
C LEU A 51 -22.92 -13.50 1.82
N ARG A 52 -24.00 -12.72 1.76
CA ARG A 52 -24.40 -11.94 2.92
C ARG A 52 -25.01 -12.79 4.02
N GLY A 53 -25.31 -14.06 3.75
CA GLY A 53 -25.90 -14.90 4.77
C GLY A 53 -24.94 -15.27 5.88
N LYS A 54 -23.74 -15.70 5.51
CA LYS A 54 -22.77 -16.18 6.49
C LYS A 54 -21.75 -15.08 6.81
N HIS A 55 -22.26 -14.01 7.40
CA HIS A 55 -21.44 -12.88 7.87
C HIS A 55 -20.48 -12.37 6.80
N GLY A 66 -2.42 -9.73 7.27
CA GLY A 66 -2.56 -10.20 5.90
C GLY A 66 -2.46 -11.70 5.74
N GLU A 67 -2.23 -12.39 6.87
CA GLU A 67 -2.04 -13.84 6.87
C GLU A 67 -3.17 -14.56 6.15
N GLN A 68 -4.36 -13.97 6.09
CA GLN A 68 -5.47 -14.64 5.43
C GLN A 68 -5.23 -14.81 3.93
N PHE A 69 -4.30 -14.05 3.34
CA PHE A 69 -4.03 -14.11 1.91
C PHE A 69 -2.82 -14.98 1.57
N VAL A 70 -2.10 -15.48 2.55
CA VAL A 70 -0.96 -16.36 2.32
C VAL A 70 -1.39 -17.79 2.62
N THR A 71 -1.20 -18.68 1.65
CA THR A 71 -1.57 -20.08 1.86
CA THR A 71 -1.57 -20.07 1.89
C THR A 71 -0.58 -20.78 2.77
N GLY A 72 0.68 -20.36 2.74
CA GLY A 72 1.71 -20.96 3.58
C GLY A 72 3.02 -20.27 3.30
N GLU A 73 4.03 -20.64 4.09
CA GLU A 73 5.34 -20.05 3.88
C GLU A 73 6.18 -20.83 2.88
N THR A 74 5.94 -22.13 2.76
CA THR A 74 6.68 -22.99 1.85
C THR A 74 5.69 -23.71 0.96
N ILE A 75 6.18 -24.14 -0.20
CA ILE A 75 5.33 -24.91 -1.10
C ILE A 75 4.88 -26.20 -0.42
N ARG A 76 5.73 -26.80 0.41
CA ARG A 76 5.33 -28.01 1.12
C ARG A 76 4.16 -27.73 2.06
N GLU A 77 4.22 -26.61 2.80
CA GLU A 77 3.09 -26.22 3.63
C GLU A 77 1.86 -25.90 2.79
N ALA A 78 2.03 -25.19 1.68
CA ALA A 78 0.87 -24.82 0.86
C ALA A 78 0.20 -26.06 0.26
N LEU A 79 1.01 -27.04 -0.18
CA LEU A 79 0.44 -28.26 -0.76
C LEU A 79 -0.38 -29.04 0.26
N LYS A 80 0.09 -29.13 1.51
CA LYS A 80 -0.65 -29.85 2.54
C LYS A 80 -1.99 -29.17 2.84
N ARG A 81 -2.00 -27.84 2.84
CA ARG A 81 -3.22 -27.12 3.19
C ARG A 81 -4.21 -27.04 2.03
N SER A 82 -3.84 -27.56 0.86
CA SER A 82 -4.68 -27.48 -0.33
C SER A 82 -5.53 -28.73 -0.56
N LYS A 83 -5.19 -29.86 0.08
CA LYS A 83 -5.93 -31.11 -0.16
C LYS A 83 -7.41 -30.94 0.19
N GLU A 84 -7.72 -30.20 1.26
CA GLU A 84 -9.10 -30.02 1.71
C GLU A 84 -9.98 -29.45 0.60
N LEU A 85 -9.56 -28.32 0.02
CA LEU A 85 -10.38 -27.72 -1.00
C LEU A 85 -10.25 -28.44 -2.33
N GLU A 86 -9.13 -29.13 -2.57
CA GLU A 86 -8.98 -29.80 -3.86
C GLU A 86 -10.04 -30.88 -4.06
N GLU A 87 -10.38 -31.59 -2.99
CA GLU A 87 -11.41 -32.63 -3.10
C GLU A 87 -12.83 -32.06 -3.07
N LYS A 88 -12.98 -30.75 -2.88
CA LYS A 88 -14.29 -30.13 -3.05
C LYS A 88 -14.50 -29.63 -4.46
N GLY A 89 -13.49 -29.70 -5.32
CA GLY A 89 -13.60 -29.25 -6.69
C GLY A 89 -12.69 -28.08 -7.02
N PHE A 90 -11.97 -27.54 -6.06
CA PHE A 90 -11.04 -26.45 -6.33
C PHE A 90 -9.74 -27.01 -6.87
N SER A 91 -9.06 -26.21 -7.67
CA SER A 91 -7.66 -26.46 -8.00
C SER A 91 -6.83 -25.28 -7.52
N TYR A 92 -5.53 -25.37 -7.68
CA TYR A 92 -4.66 -24.30 -7.22
C TYR A 92 -3.69 -23.86 -8.30
N SER A 93 -3.30 -22.60 -8.18
CA SER A 93 -2.14 -22.09 -8.90
C SER A 93 -1.24 -21.45 -7.85
N TYR A 94 -0.08 -22.03 -7.64
CA TYR A 94 0.81 -21.56 -6.59
C TYR A 94 1.74 -20.48 -7.11
N ASP A 95 2.02 -19.49 -6.27
CA ASP A 95 2.95 -18.45 -6.64
C ASP A 95 3.96 -18.32 -5.51
N MET A 96 5.21 -18.67 -5.80
CA MET A 96 6.30 -18.36 -4.89
C MET A 96 6.49 -16.86 -4.92
N LEU A 97 5.77 -16.16 -4.07
CA LEU A 97 5.63 -14.71 -4.17
C LEU A 97 6.97 -14.00 -4.20
N GLY A 98 7.26 -13.36 -5.32
CA GLY A 98 8.36 -12.41 -5.42
C GLY A 98 8.05 -11.47 -6.55
N GLU A 99 8.58 -10.26 -6.46
CA GLU A 99 8.35 -9.30 -7.52
C GLU A 99 9.32 -8.15 -7.35
N ALA A 100 9.48 -7.38 -8.42
CA ALA A 100 10.31 -6.18 -8.42
C ALA A 100 11.69 -6.49 -7.86
N ALA A 101 12.31 -7.54 -8.39
CA ALA A 101 13.68 -7.85 -8.04
C ALA A 101 14.55 -6.64 -8.39
N THR A 102 15.36 -6.21 -7.42
CA THR A 102 16.22 -5.05 -7.63
C THR A 102 17.67 -5.44 -7.86
N THR A 103 18.05 -6.67 -7.54
CA THR A 103 19.42 -7.15 -7.68
C THR A 103 19.43 -8.43 -8.50
N ALA A 104 20.59 -8.71 -9.11
CA ALA A 104 20.75 -9.98 -9.81
C ALA A 104 20.61 -11.15 -8.85
N ALA A 105 21.14 -11.00 -7.63
CA ALA A 105 21.01 -12.05 -6.62
C ALA A 105 19.56 -12.27 -6.22
N ASP A 106 18.76 -11.20 -6.16
CA ASP A 106 17.34 -11.37 -5.87
C ASP A 106 16.63 -12.10 -7.00
N ALA A 107 16.92 -11.73 -8.25
CA ALA A 107 16.30 -12.40 -9.38
C ALA A 107 16.71 -13.87 -9.44
N GLU A 108 17.93 -14.19 -9.02
CA GLU A 108 18.36 -15.59 -9.00
C GLU A 108 17.62 -16.37 -7.92
N ARG A 109 17.49 -15.79 -6.72
CA ARG A 109 16.82 -16.50 -5.63
C ARG A 109 15.35 -16.77 -5.97
N TYR A 110 14.67 -15.77 -6.54
CA TYR A 110 13.29 -16.00 -6.96
C TYR A 110 13.23 -17.11 -8.01
N TYR A 111 14.15 -17.08 -8.97
CA TYR A 111 14.17 -18.13 -9.99
C TYR A 111 14.33 -19.50 -9.35
N ARG A 112 15.33 -19.67 -8.49
CA ARG A 112 15.52 -20.94 -7.81
C ARG A 112 14.32 -21.30 -6.94
N ASP A 113 13.58 -20.28 -6.46
CA ASP A 113 12.35 -20.59 -5.72
C ASP A 113 11.25 -21.07 -6.66
N TYR A 114 11.10 -20.43 -7.82
CA TYR A 114 10.12 -20.89 -8.80
C TYR A 114 10.50 -22.27 -9.34
N GLU A 115 11.78 -22.46 -9.64
CA GLU A 115 12.26 -23.75 -10.13
C GLU A 115 11.91 -24.87 -9.17
N SER A 116 12.25 -24.71 -7.88
CA SER A 116 11.97 -25.76 -6.92
C SER A 116 10.48 -25.92 -6.65
N ALA A 117 9.72 -24.82 -6.71
CA ALA A 117 8.26 -24.91 -6.58
C ALA A 117 7.66 -25.74 -7.70
N ILE A 118 8.14 -25.54 -8.93
CA ILE A 118 7.63 -26.32 -10.06
C ILE A 118 7.87 -27.80 -9.83
N HIS A 119 9.03 -28.16 -9.27
CA HIS A 119 9.28 -29.58 -9.01
C HIS A 119 8.30 -30.11 -7.98
N ALA A 120 8.06 -29.35 -6.92
CA ALA A 120 7.15 -29.81 -5.87
C ALA A 120 5.72 -29.91 -6.38
N ILE A 121 5.26 -28.87 -7.11
CA ILE A 121 3.91 -28.87 -7.65
C ILE A 121 3.77 -29.94 -8.72
N GLY A 122 4.79 -30.09 -9.56
CA GLY A 122 4.74 -31.11 -10.60
C GLY A 122 4.61 -32.50 -10.03
N LYS A 123 5.42 -32.83 -9.03
CA LYS A 123 5.33 -34.13 -8.41
C LYS A 123 3.99 -34.31 -7.70
N ALA A 124 3.51 -33.25 -7.04
CA ALA A 124 2.21 -33.33 -6.38
C ALA A 124 1.09 -33.47 -7.39
N SER A 125 1.22 -32.82 -8.55
CA SER A 125 0.19 -32.96 -9.57
C SER A 125 0.04 -34.42 -9.96
N ALA A 126 1.16 -35.10 -10.16
CA ALA A 126 1.19 -36.55 -10.36
C ALA A 126 0.37 -36.97 -11.58
N GLY A 127 0.57 -36.26 -12.68
CA GLY A 127 -0.06 -36.60 -13.94
C GLY A 127 -1.50 -36.18 -14.07
N ARG A 128 -2.04 -35.43 -13.11
CA ARG A 128 -3.40 -34.91 -13.25
C ARG A 128 -3.53 -33.97 -14.43
N GLY A 129 -2.43 -33.39 -14.91
CA GLY A 129 -2.47 -32.55 -16.09
C GLY A 129 -2.86 -31.12 -15.77
N ILE A 130 -2.99 -30.33 -16.84
CA ILE A 130 -3.01 -28.88 -16.67
C ILE A 130 -4.34 -28.34 -16.16
N TYR A 131 -5.43 -29.10 -16.25
CA TYR A 131 -6.74 -28.57 -15.83
C TYR A 131 -7.20 -29.10 -14.50
N GLU A 132 -7.02 -30.40 -14.27
CA GLU A 132 -7.41 -31.02 -13.01
C GLU A 132 -6.35 -30.85 -11.95
N GLY A 133 -5.10 -30.64 -12.34
CA GLY A 133 -4.01 -30.57 -11.39
C GLY A 133 -3.58 -29.14 -11.13
N PRO A 134 -2.72 -28.96 -10.14
CA PRO A 134 -2.25 -27.63 -9.80
C PRO A 134 -1.30 -27.10 -10.86
N GLY A 135 -1.13 -25.79 -10.85
CA GLY A 135 -0.15 -25.16 -11.70
C GLY A 135 0.61 -24.11 -10.92
N ILE A 136 1.45 -23.36 -11.61
CA ILE A 136 2.25 -22.31 -11.00
C ILE A 136 1.97 -21.03 -11.75
N SER A 137 2.15 -19.92 -11.07
CA SER A 137 2.13 -18.60 -11.67
C SER A 137 3.40 -17.86 -11.29
N ILE A 138 3.91 -17.06 -12.23
CA ILE A 138 5.13 -16.31 -12.00
C ILE A 138 4.87 -14.86 -12.36
N LYS A 139 5.67 -13.98 -11.76
CA LYS A 139 5.73 -12.58 -12.12
C LYS A 139 7.08 -12.31 -12.75
N LEU A 140 7.06 -11.82 -14.01
CA LEU A 140 8.33 -11.63 -14.70
C LEU A 140 9.23 -10.64 -13.97
N SER A 141 8.64 -9.72 -13.18
CA SER A 141 9.46 -8.75 -12.47
C SER A 141 10.28 -9.38 -11.36
N ALA A 142 9.94 -10.60 -10.95
CA ALA A 142 10.77 -11.33 -10.00
C ALA A 142 12.03 -11.91 -10.65
N LEU A 143 12.03 -12.09 -11.97
CA LEU A 143 13.06 -12.84 -12.64
C LEU A 143 14.10 -11.99 -13.35
N HIS A 144 13.92 -10.67 -13.36
CA HIS A 144 14.83 -9.76 -14.02
C HIS A 144 15.13 -8.59 -13.10
N PRO A 145 16.41 -8.33 -12.79
CA PRO A 145 16.74 -7.42 -11.68
C PRO A 145 16.37 -5.97 -11.91
N ARG A 146 15.93 -5.59 -13.12
CA ARG A 146 15.54 -4.22 -13.36
C ARG A 146 14.39 -4.23 -14.36
N TYR A 147 13.38 -5.05 -14.08
CA TYR A 147 12.33 -5.35 -15.05
C TYR A 147 11.62 -4.09 -15.53
N SER A 148 11.25 -3.21 -14.60
CA SER A 148 10.51 -2.01 -14.95
C SER A 148 11.40 -0.90 -15.53
N ARG A 149 12.71 -0.96 -15.31
CA ARG A 149 13.61 0.13 -15.69
C ARG A 149 14.49 -0.20 -16.88
N ALA A 150 14.45 -1.44 -17.38
CA ALA A 150 15.33 -1.86 -18.45
C ALA A 150 14.57 -1.89 -19.78
N GLN A 151 15.28 -1.55 -20.86
CA GLN A 151 14.69 -1.58 -22.19
C GLN A 151 14.26 -3.00 -22.57
N ALA A 152 13.22 -3.08 -23.40
CA ALA A 152 12.64 -4.38 -23.72
C ALA A 152 13.63 -5.30 -24.42
N ALA A 153 14.58 -4.74 -25.16
CA ALA A 153 15.53 -5.57 -25.89
C ALA A 153 16.37 -6.41 -24.93
N ARG A 154 17.04 -5.75 -23.97
CA ARG A 154 17.89 -6.47 -23.04
C ARG A 154 17.06 -7.29 -22.06
N VAL A 155 15.85 -6.84 -21.75
CA VAL A 155 15.01 -7.58 -20.81
C VAL A 155 14.51 -8.88 -21.44
N MET A 156 14.17 -8.84 -22.73
CA MET A 156 13.70 -10.03 -23.42
C MET A 156 14.79 -11.11 -23.46
N GLY A 157 16.00 -10.75 -23.86
CA GLY A 157 17.06 -11.72 -24.11
C GLY A 157 17.61 -12.37 -22.86
N GLU A 158 17.51 -11.71 -21.70
CA GLU A 158 17.95 -12.30 -20.46
C GLU A 158 16.84 -13.02 -19.72
N LEU A 159 15.59 -12.64 -19.97
CA LEU A 159 14.46 -13.23 -19.28
C LEU A 159 13.92 -14.46 -20.01
N LEU A 160 13.89 -14.41 -21.34
CA LEU A 160 13.40 -15.54 -22.13
C LEU A 160 14.08 -16.86 -21.76
N PRO A 161 15.41 -16.95 -21.64
CA PRO A 161 16.00 -18.25 -21.27
C PRO A 161 15.54 -18.75 -19.92
N ARG A 162 15.27 -17.84 -18.97
CA ARG A 162 14.82 -18.27 -17.65
C ARG A 162 13.38 -18.77 -17.70
N VAL A 163 12.48 -18.04 -18.37
CA VAL A 163 11.10 -18.48 -18.43
C VAL A 163 10.99 -19.79 -19.23
N LYS A 164 11.77 -19.91 -20.31
CA LYS A 164 11.78 -21.13 -21.09
C LYS A 164 12.12 -22.33 -20.20
N ALA A 165 13.19 -22.20 -19.40
CA ALA A 165 13.61 -23.29 -18.53
C ALA A 165 12.50 -23.67 -17.55
N LEU A 166 11.80 -22.67 -17.01
CA LEU A 166 10.66 -22.95 -16.13
C LEU A 166 9.52 -23.60 -16.91
N ALA A 167 9.24 -23.10 -18.12
CA ALA A 167 8.15 -23.66 -18.90
C ALA A 167 8.46 -25.11 -19.29
N LEU A 168 9.72 -25.40 -19.60
CA LEU A 168 10.11 -26.77 -19.93
C LEU A 168 9.93 -27.68 -18.72
N LEU A 169 10.24 -27.19 -17.52
CA LEU A 169 10.01 -27.98 -16.31
C LEU A 169 8.52 -28.21 -16.09
N ALA A 170 7.71 -27.18 -16.29
CA ALA A 170 6.26 -27.36 -16.23
C ALA A 170 5.79 -28.34 -17.30
N LYS A 171 6.36 -28.24 -18.50
CA LYS A 171 6.04 -29.21 -19.54
C LYS A 171 6.38 -30.62 -19.10
N ASN A 172 7.55 -30.81 -18.48
CA ASN A 172 7.96 -32.13 -18.03
C ASN A 172 6.93 -32.75 -17.10
N TYR A 173 6.30 -31.94 -16.25
CA TYR A 173 5.31 -32.43 -15.30
C TYR A 173 3.88 -32.27 -15.82
N ASP A 174 3.69 -31.62 -16.96
CA ASP A 174 2.37 -31.31 -17.51
C ASP A 174 1.52 -30.54 -16.50
N ILE A 175 2.07 -29.44 -15.99
CA ILE A 175 1.33 -28.50 -15.17
C ILE A 175 1.25 -27.16 -15.89
N GLY A 176 0.29 -26.36 -15.45
CA GLY A 176 0.17 -25.00 -15.97
C GLY A 176 1.29 -24.11 -15.45
N LEU A 177 1.77 -23.24 -16.33
CA LEU A 177 2.71 -22.18 -15.96
C LEU A 177 2.11 -20.88 -16.49
N ASN A 178 1.71 -20.00 -15.59
CA ASN A 178 1.02 -18.78 -15.95
C ASN A 178 1.94 -17.58 -15.75
N ILE A 179 2.01 -16.71 -16.76
CA ILE A 179 2.72 -15.44 -16.63
C ILE A 179 1.73 -14.39 -16.15
N ASP A 180 1.94 -13.89 -14.94
CA ASP A 180 1.08 -12.84 -14.38
C ASP A 180 1.30 -11.53 -15.12
N ALA A 181 0.30 -10.65 -15.03
CA ALA A 181 0.35 -9.34 -15.66
C ALA A 181 0.65 -8.28 -14.61
N GLU A 182 1.61 -7.40 -14.90
CA GLU A 182 1.96 -6.36 -13.95
C GLU A 182 1.67 -4.97 -14.52
N GLU A 183 2.64 -4.05 -14.49
CA GLU A 183 2.37 -2.69 -14.93
C GLU A 183 2.03 -2.64 -16.43
N ALA A 184 1.29 -1.61 -16.84
CA ALA A 184 0.84 -1.50 -18.21
C ALA A 184 2.00 -1.42 -19.20
N ASP A 185 3.11 -0.81 -18.80
CA ASP A 185 4.21 -0.58 -19.72
C ASP A 185 5.09 -1.81 -19.90
N ARG A 186 4.71 -2.94 -19.31
CA ARG A 186 5.42 -4.20 -19.52
C ARG A 186 4.58 -5.22 -20.27
N LEU A 187 3.32 -4.89 -20.59
CA LEU A 187 2.47 -5.79 -21.36
C LEU A 187 3.13 -6.22 -22.66
N GLU A 188 3.68 -5.26 -23.41
CA GLU A 188 4.25 -5.55 -24.72
C GLU A 188 5.43 -6.51 -24.62
N LEU A 189 6.30 -6.31 -23.62
CA LEU A 189 7.44 -7.19 -23.47
C LEU A 189 6.99 -8.61 -23.12
N SER A 190 6.06 -8.73 -22.17
CA SER A 190 5.57 -10.05 -21.81
C SER A 190 4.84 -10.71 -22.96
N LEU A 191 4.22 -9.91 -23.82
CA LEU A 191 3.46 -10.47 -24.94
C LEU A 191 4.38 -11.06 -26.01
N ASP A 192 5.49 -10.37 -26.30
CA ASP A 192 6.47 -10.93 -27.23
C ASP A 192 7.12 -12.18 -26.64
N LEU A 193 7.25 -12.23 -25.31
CA LEU A 193 7.77 -13.43 -24.64
C LEU A 193 6.83 -14.61 -24.82
N LEU A 194 5.53 -14.37 -24.64
CA LEU A 194 4.55 -15.44 -24.83
C LEU A 194 4.57 -15.94 -26.27
N GLU A 195 4.75 -15.04 -27.24
CA GLU A 195 4.75 -15.47 -28.63
C GLU A 195 5.94 -16.35 -28.94
N VAL A 196 7.12 -15.97 -28.45
CA VAL A 196 8.30 -16.81 -28.69
C VAL A 196 8.11 -18.17 -28.04
N LEU A 197 7.55 -18.20 -26.84
CA LEU A 197 7.35 -19.48 -26.16
C LEU A 197 6.34 -20.35 -26.90
N CYS A 198 5.25 -19.76 -27.37
CA CYS A 198 4.22 -20.54 -28.04
C CYS A 198 4.67 -21.03 -29.39
N LEU A 199 5.69 -20.40 -29.98
CA LEU A 199 6.29 -20.86 -31.22
C LEU A 199 7.53 -21.72 -31.00
N ASP A 200 7.93 -21.95 -29.75
CA ASP A 200 9.13 -22.73 -29.47
C ASP A 200 8.78 -24.22 -29.54
N GLY A 201 9.55 -24.96 -30.34
CA GLY A 201 9.31 -26.37 -30.53
C GLY A 201 9.65 -27.23 -29.33
N ASP A 202 10.49 -26.72 -28.42
CA ASP A 202 10.81 -27.50 -27.22
C ASP A 202 9.60 -27.67 -26.32
N LEU A 203 8.56 -26.86 -26.48
CA LEU A 203 7.36 -26.94 -25.65
C LEU A 203 6.17 -27.54 -26.37
N SER A 204 6.38 -28.16 -27.53
CA SER A 204 5.28 -28.67 -28.33
C SER A 204 4.48 -29.69 -27.54
N GLY A 205 3.17 -29.70 -27.78
CA GLY A 205 2.27 -30.66 -27.16
C GLY A 205 1.86 -30.33 -25.75
N TRP A 206 2.42 -29.27 -25.16
CA TRP A 206 2.11 -28.86 -23.81
C TRP A 206 1.24 -27.61 -23.86
N ASN A 207 0.04 -27.70 -23.29
CA ASN A 207 -0.92 -26.61 -23.32
C ASN A 207 -0.99 -25.85 -21.99
N GLY A 208 0.09 -25.89 -21.21
CA GLY A 208 0.09 -25.29 -19.89
C GLY A 208 0.54 -23.86 -19.83
N MET A 209 1.00 -23.31 -20.95
CA MET A 209 1.41 -21.92 -20.97
C MET A 209 0.19 -21.04 -20.73
N GLY A 210 0.31 -20.13 -19.79
CA GLY A 210 -0.80 -19.31 -19.38
C GLY A 210 -0.40 -17.85 -19.40
N PHE A 211 -1.39 -16.99 -19.55
CA PHE A 211 -1.10 -15.56 -19.67
C PHE A 211 -2.27 -14.77 -19.10
N VAL A 212 -1.97 -13.73 -18.33
CA VAL A 212 -3.00 -12.88 -17.76
C VAL A 212 -3.20 -11.68 -18.67
N VAL A 213 -4.45 -11.31 -18.88
CA VAL A 213 -4.79 -10.03 -19.49
C VAL A 213 -5.69 -9.28 -18.54
N GLN A 214 -5.46 -7.97 -18.42
CA GLN A 214 -6.11 -7.12 -17.44
C GLN A 214 -7.18 -6.31 -18.16
N ALA A 215 -8.44 -6.48 -17.75
CA ALA A 215 -9.53 -5.84 -18.44
C ALA A 215 -9.63 -4.35 -18.14
N TYR A 216 -8.95 -3.85 -17.12
CA TYR A 216 -8.98 -2.40 -17.00
C TYR A 216 -8.11 -1.71 -18.03
N GLY A 217 -7.34 -2.46 -18.81
CA GLY A 217 -6.50 -1.87 -19.84
C GLY A 217 -7.24 -1.69 -21.15
N LYS A 218 -6.96 -0.58 -21.82
CA LYS A 218 -7.64 -0.28 -23.08
C LYS A 218 -7.20 -1.21 -24.19
N ARG A 219 -6.08 -1.90 -24.02
CA ARG A 219 -5.58 -2.81 -25.03
C ARG A 219 -6.15 -4.20 -24.89
N CYS A 220 -6.80 -4.49 -23.76
CA CYS A 220 -7.24 -5.85 -23.43
C CYS A 220 -7.93 -6.58 -24.59
N PRO A 221 -8.95 -6.03 -25.25
CA PRO A 221 -9.59 -6.83 -26.32
C PRO A 221 -8.65 -7.16 -27.46
N PHE A 222 -7.79 -6.21 -27.84
CA PHE A 222 -6.86 -6.46 -28.93
C PHE A 222 -5.74 -7.40 -28.52
N VAL A 223 -5.34 -7.34 -27.25
CA VAL A 223 -4.44 -8.35 -26.72
C VAL A 223 -5.08 -9.73 -26.80
N LEU A 224 -6.38 -9.81 -26.50
CA LEU A 224 -7.06 -11.11 -26.58
C LEU A 224 -7.20 -11.59 -28.03
N ASP A 225 -7.53 -10.69 -28.97
CA ASP A 225 -7.54 -11.08 -30.37
C ASP A 225 -6.19 -11.64 -30.78
N PHE A 226 -5.12 -11.01 -30.30
CA PHE A 226 -3.78 -11.44 -30.67
C PHE A 226 -3.48 -12.81 -30.08
N ILE A 227 -3.87 -13.01 -28.83
CA ILE A 227 -3.59 -14.28 -28.17
C ILE A 227 -4.44 -15.39 -28.76
N ILE A 228 -5.73 -15.12 -29.00
CA ILE A 228 -6.59 -16.12 -29.62
C ILE A 228 -6.02 -16.56 -30.96
N ASP A 229 -5.63 -15.60 -31.80
CA ASP A 229 -5.02 -15.97 -33.07
C ASP A 229 -3.69 -16.69 -32.87
N LEU A 230 -2.92 -16.29 -31.84
CA LEU A 230 -1.64 -16.95 -31.60
C LEU A 230 -1.84 -18.40 -31.18
N ALA A 231 -2.83 -18.64 -30.32
CA ALA A 231 -3.16 -20.01 -29.94
C ALA A 231 -3.58 -20.84 -31.16
N ARG A 232 -4.43 -20.27 -32.01
CA ARG A 232 -4.95 -21.02 -33.14
CA ARG A 232 -4.96 -21.04 -33.13
C ARG A 232 -3.85 -21.37 -34.13
N ARG A 233 -2.96 -20.41 -34.42
CA ARG A 233 -1.92 -20.70 -35.40
C ARG A 233 -0.76 -21.47 -34.80
N SER A 234 -0.51 -21.36 -33.50
CA SER A 234 0.60 -22.09 -32.90
C SER A 234 0.22 -23.50 -32.46
N GLY A 235 -1.06 -23.79 -32.27
CA GLY A 235 -1.47 -25.09 -31.77
C GLY A 235 -1.34 -25.23 -30.28
N ARG A 236 -1.08 -24.15 -29.56
CA ARG A 236 -1.06 -24.14 -28.11
C ARG A 236 -2.40 -23.62 -27.62
N ARG A 237 -3.10 -24.42 -26.82
CA ARG A 237 -4.32 -23.94 -26.20
C ARG A 237 -3.94 -23.06 -25.00
N ILE A 238 -3.70 -21.76 -25.28
CA ILE A 238 -3.16 -20.87 -24.28
C ILE A 238 -4.19 -20.65 -23.17
N MET A 239 -3.74 -20.78 -21.93
CA MET A 239 -4.60 -20.52 -20.79
C MET A 239 -4.57 -19.02 -20.58
N VAL A 240 -5.72 -18.38 -20.63
CA VAL A 240 -5.77 -16.93 -20.56
C VAL A 240 -6.57 -16.59 -19.31
N ARG A 241 -5.88 -16.04 -18.32
CA ARG A 241 -6.55 -15.59 -17.11
C ARG A 241 -6.96 -14.14 -17.32
N LEU A 242 -8.27 -13.90 -17.32
CA LEU A 242 -8.80 -12.55 -17.47
C LEU A 242 -9.01 -12.00 -16.06
N VAL A 243 -8.25 -10.96 -15.71
CA VAL A 243 -8.42 -10.25 -14.46
C VAL A 243 -8.87 -8.84 -14.79
N LYS A 244 -9.44 -8.15 -13.80
CA LYS A 244 -9.70 -6.73 -14.05
C LYS A 244 -8.43 -5.93 -13.94
N GLY A 245 -7.59 -6.21 -12.96
CA GLY A 245 -6.34 -5.49 -12.83
C GLY A 245 -6.03 -5.06 -11.42
N ALA A 246 -4.79 -5.26 -11.00
CA ALA A 246 -4.40 -5.04 -9.61
C ALA A 246 -3.71 -3.70 -9.33
N TYR A 247 -3.31 -2.96 -10.38
CA TYR A 247 -2.40 -1.83 -10.22
C TYR A 247 -3.06 -0.51 -10.60
N TRP A 248 -4.38 -0.39 -10.45
CA TRP A 248 -5.06 0.79 -10.95
C TRP A 248 -4.50 2.07 -10.34
N ASP A 249 -4.44 2.13 -9.01
CA ASP A 249 -3.95 3.34 -8.36
C ASP A 249 -2.55 3.72 -8.84
N ALA A 250 -1.70 2.72 -9.07
CA ALA A 250 -0.34 3.00 -9.51
C ALA A 250 -0.29 3.47 -10.96
N GLU A 251 -1.12 2.87 -11.83
CA GLU A 251 -1.16 3.32 -13.22
C GLU A 251 -1.64 4.76 -13.33
N ILE A 252 -2.65 5.13 -12.54
CA ILE A 252 -3.14 6.50 -12.54
C ILE A 252 -2.02 7.45 -12.13
N LYS A 253 -1.29 7.10 -11.06
CA LYS A 253 -0.30 8.00 -10.49
C LYS A 253 0.96 8.09 -11.36
N ARG A 254 1.33 7.00 -12.03
CA ARG A 254 2.41 7.09 -13.00
C ARG A 254 1.97 7.88 -14.23
N ALA A 255 0.71 7.75 -14.64
CA ALA A 255 0.24 8.49 -15.80
C ALA A 255 0.20 9.99 -15.54
N GLN A 256 -0.33 10.38 -14.38
CA GLN A 256 -0.39 11.81 -14.06
C GLN A 256 1.00 12.40 -13.92
N LEU A 257 1.97 11.63 -13.43
CA LEU A 257 3.33 12.14 -13.29
C LEU A 257 3.99 12.31 -14.65
N ASP A 258 3.98 11.27 -15.48
CA ASP A 258 4.54 11.33 -16.82
C ASP A 258 3.58 12.04 -17.78
N ALA A 261 -1.53 13.09 -21.42
CA ALA A 261 -2.45 12.82 -20.33
C ALA A 261 -3.60 11.94 -20.79
N ASP A 262 -3.26 10.77 -21.32
CA ASP A 262 -4.24 9.72 -21.62
C ASP A 262 -3.76 8.44 -20.95
N PHE A 263 -4.61 7.87 -20.15
CA PHE A 263 -4.22 6.74 -19.34
C PHE A 263 -4.30 5.46 -20.15
N PRO A 264 -3.46 4.46 -19.83
CA PRO A 264 -3.60 3.15 -20.49
C PRO A 264 -4.68 2.29 -19.86
N VAL A 265 -5.27 2.75 -18.77
CA VAL A 265 -6.34 2.05 -18.09
C VAL A 265 -7.59 2.92 -18.08
N PHE A 266 -8.74 2.27 -17.92
CA PHE A 266 -9.96 3.03 -17.73
C PHE A 266 -9.88 3.78 -16.39
N THR A 267 -10.69 4.84 -16.27
CA THR A 267 -10.73 5.63 -15.05
C THR A 267 -12.08 5.54 -14.36
N ARG A 268 -13.04 4.83 -14.94
CA ARG A 268 -14.33 4.54 -14.32
C ARG A 268 -14.43 3.04 -14.10
N LYS A 269 -14.77 2.63 -12.88
CA LYS A 269 -14.76 1.21 -12.57
C LYS A 269 -15.73 0.47 -13.49
N ILE A 270 -16.83 1.12 -13.84
CA ILE A 270 -17.85 0.47 -14.65
C ILE A 270 -17.33 0.17 -16.05
N HIS A 271 -16.43 1.01 -16.58
CA HIS A 271 -15.82 0.71 -17.87
C HIS A 271 -14.95 -0.54 -17.80
N THR A 272 -14.21 -0.71 -16.70
CA THR A 272 -13.50 -1.97 -16.50
C THR A 272 -14.47 -3.15 -16.44
N ASP A 273 -15.60 -2.98 -15.75
CA ASP A 273 -16.58 -4.06 -15.68
C ASP A 273 -17.11 -4.40 -17.06
N VAL A 274 -17.43 -3.39 -17.86
CA VAL A 274 -17.92 -3.66 -19.20
C VAL A 274 -16.83 -4.32 -20.05
N SER A 275 -15.60 -3.80 -19.96
CA SER A 275 -14.45 -4.40 -20.64
C SER A 275 -14.29 -5.87 -20.27
N TYR A 276 -14.42 -6.19 -18.99
CA TYR A 276 -14.26 -7.58 -18.57
C TYR A 276 -15.28 -8.47 -19.26
N ILE A 277 -16.56 -8.08 -19.20
CA ILE A 277 -17.62 -8.89 -19.81
C ILE A 277 -17.41 -8.99 -21.32
N ALA A 278 -17.09 -7.86 -21.96
CA ALA A 278 -16.82 -7.90 -23.39
C ALA A 278 -15.72 -8.90 -23.69
N CYS A 279 -14.64 -8.85 -22.92
CA CYS A 279 -13.52 -9.75 -23.17
C CYS A 279 -13.85 -11.18 -22.81
N ALA A 280 -14.73 -11.40 -21.82
CA ALA A 280 -15.19 -12.74 -21.51
C ALA A 280 -15.99 -13.34 -22.65
N ALA A 281 -16.84 -12.54 -23.28
CA ALA A 281 -17.57 -13.03 -24.44
C ALA A 281 -16.63 -13.44 -25.55
N LYS A 282 -15.57 -12.65 -25.76
CA LYS A 282 -14.61 -12.98 -26.80
C LYS A 282 -13.88 -14.27 -26.46
N LEU A 283 -13.49 -14.42 -25.19
CA LEU A 283 -12.83 -15.65 -24.75
C LEU A 283 -13.75 -16.85 -24.86
N LEU A 284 -15.02 -16.69 -24.47
CA LEU A 284 -15.95 -17.82 -24.49
C LEU A 284 -16.26 -18.27 -25.91
N ALA A 285 -16.14 -17.37 -26.88
CA ALA A 285 -16.33 -17.74 -28.27
C ALA A 285 -15.12 -18.47 -28.85
N ALA A 286 -14.02 -18.55 -28.11
CA ALA A 286 -12.78 -19.10 -28.62
C ALA A 286 -12.26 -20.25 -27.75
N THR A 287 -13.15 -20.96 -27.05
CA THR A 287 -12.72 -22.01 -26.14
C THR A 287 -12.12 -23.19 -26.88
N ASP A 288 -12.31 -23.27 -28.20
CA ASP A 288 -11.60 -24.27 -28.98
C ASP A 288 -10.09 -24.10 -28.85
N VAL A 289 -9.60 -22.86 -28.87
CA VAL A 289 -8.16 -22.61 -28.98
C VAL A 289 -7.55 -21.99 -27.73
N VAL A 290 -8.33 -21.41 -26.82
CA VAL A 290 -7.81 -20.92 -25.56
C VAL A 290 -8.62 -21.53 -24.43
N PHE A 291 -8.01 -21.57 -23.24
CA PHE A 291 -8.65 -21.99 -22.00
C PHE A 291 -8.89 -20.72 -21.17
N PRO A 292 -10.08 -20.13 -21.24
CA PRO A 292 -10.35 -18.94 -20.44
C PRO A 292 -10.45 -19.27 -18.96
N GLN A 293 -9.82 -18.41 -18.17
CA GLN A 293 -9.79 -18.53 -16.72
C GLN A 293 -10.31 -17.23 -16.18
N PHE A 294 -11.51 -17.24 -15.64
CA PHE A 294 -12.18 -16.00 -15.30
C PHE A 294 -11.92 -15.70 -13.83
N ALA A 295 -10.95 -14.83 -13.61
CA ALA A 295 -10.49 -14.47 -12.28
C ALA A 295 -11.34 -13.30 -11.78
N THR A 296 -12.24 -13.57 -10.83
CA THR A 296 -13.07 -12.50 -10.26
C THR A 296 -13.63 -12.96 -8.92
N HIS A 297 -13.87 -12.01 -8.03
CA HIS A 297 -14.57 -12.25 -6.78
C HIS A 297 -15.94 -11.61 -6.78
N ASN A 298 -16.36 -11.09 -7.94
CA ASN A 298 -17.57 -10.31 -8.08
C ASN A 298 -18.68 -11.26 -8.52
N ALA A 299 -19.70 -11.42 -7.67
CA ALA A 299 -20.75 -12.40 -7.93
C ALA A 299 -21.51 -12.06 -9.21
N GLN A 300 -21.64 -10.76 -9.50
CA GLN A 300 -22.34 -10.34 -10.72
C GLN A 300 -21.53 -10.71 -11.94
N THR A 301 -20.23 -10.42 -11.91
CA THR A 301 -19.35 -10.80 -13.01
C THR A 301 -19.39 -12.31 -13.21
N LEU A 302 -19.24 -13.06 -12.13
CA LEU A 302 -19.29 -14.52 -12.20
C LEU A 302 -20.58 -14.99 -12.82
N ALA A 303 -21.72 -14.52 -12.31
CA ALA A 303 -23.01 -14.97 -12.81
C ALA A 303 -23.16 -14.67 -14.30
N ALA A 304 -22.70 -13.50 -14.72
CA ALA A 304 -22.81 -13.16 -16.13
C ALA A 304 -21.98 -14.11 -16.99
N ILE A 305 -20.75 -14.41 -16.58
CA ILE A 305 -19.92 -15.33 -17.37
C ILE A 305 -20.52 -16.72 -17.35
N TYR A 306 -21.05 -17.12 -16.20
CA TYR A 306 -21.60 -18.47 -16.07
C TYR A 306 -22.73 -18.69 -17.07
N HIS A 307 -23.58 -17.69 -17.28
CA HIS A 307 -24.67 -17.84 -18.22
C HIS A 307 -24.23 -17.54 -19.63
N MET A 308 -23.30 -16.60 -19.83
CA MET A 308 -22.74 -16.35 -21.15
C MET A 308 -22.12 -17.60 -21.75
N ALA A 309 -21.59 -18.48 -20.91
CA ALA A 309 -20.90 -19.67 -21.39
C ALA A 309 -21.85 -20.75 -21.89
N GLY A 310 -23.16 -20.60 -21.65
CA GLY A 310 -24.13 -21.54 -22.12
C GLY A 310 -24.25 -22.76 -21.22
N LYS A 311 -25.07 -23.71 -21.68
CA LYS A 311 -25.33 -24.93 -20.92
C LYS A 311 -24.23 -25.97 -21.11
N ASP A 312 -23.45 -25.88 -22.19
CA ASP A 312 -22.43 -26.88 -22.48
C ASP A 312 -21.20 -26.63 -21.61
N PHE A 313 -20.81 -27.62 -20.82
CA PHE A 313 -19.59 -27.48 -20.05
C PHE A 313 -18.89 -28.82 -19.92
N HIS A 314 -17.56 -28.77 -19.91
CA HIS A 314 -16.72 -29.91 -19.57
C HIS A 314 -15.45 -29.36 -18.95
N VAL A 315 -14.84 -30.14 -18.06
CA VAL A 315 -13.59 -29.70 -17.46
C VAL A 315 -12.56 -29.52 -18.56
N GLY A 316 -11.96 -28.33 -18.60
CA GLY A 316 -11.06 -27.93 -19.66
C GLY A 316 -11.63 -26.91 -20.61
N LYS A 317 -12.96 -26.71 -20.59
CA LYS A 317 -13.54 -25.66 -21.42
C LYS A 317 -13.16 -24.27 -20.91
N TYR A 318 -13.46 -23.99 -19.65
CA TYR A 318 -13.01 -22.77 -18.99
C TYR A 318 -13.06 -23.05 -17.50
N GLU A 319 -12.51 -22.12 -16.72
CA GLU A 319 -12.63 -22.22 -15.27
C GLU A 319 -12.74 -20.82 -14.70
N PHE A 320 -13.17 -20.76 -13.45
CA PHE A 320 -13.09 -19.52 -12.69
C PHE A 320 -11.82 -19.54 -11.86
N GLN A 321 -11.43 -18.37 -11.37
CA GLN A 321 -10.27 -18.30 -10.49
C GLN A 321 -10.55 -17.28 -9.40
N CYS A 322 -9.85 -17.43 -8.28
CA CYS A 322 -9.96 -16.49 -7.19
C CYS A 322 -8.63 -16.47 -6.45
N LEU A 323 -8.45 -15.43 -5.64
CA LEU A 323 -7.30 -15.32 -4.75
C LEU A 323 -7.60 -16.03 -3.45
N HIS A 324 -6.59 -16.73 -2.94
CA HIS A 324 -6.69 -17.33 -1.63
C HIS A 324 -7.07 -16.28 -0.60
N GLY A 325 -8.03 -16.63 0.25
CA GLY A 325 -8.47 -15.76 1.31
C GLY A 325 -9.51 -14.74 0.90
N MET A 326 -9.83 -14.64 -0.39
CA MET A 326 -10.86 -13.75 -0.88
C MET A 326 -12.04 -14.47 -1.51
N GLY A 327 -11.81 -15.60 -2.18
CA GLY A 327 -12.81 -16.12 -3.09
C GLY A 327 -13.56 -17.33 -2.58
N GLU A 328 -13.00 -17.99 -1.58
CA GLU A 328 -13.61 -19.24 -1.13
C GLU A 328 -15.06 -19.10 -0.71
N PRO A 329 -15.50 -18.06 0.04
CA PRO A 329 -16.93 -17.97 0.35
C PRO A 329 -17.82 -17.85 -0.88
N LEU A 330 -17.42 -17.09 -1.89
CA LEU A 330 -18.20 -17.05 -3.13
C LEU A 330 -18.12 -18.39 -3.87
N TYR A 331 -16.93 -18.92 -4.03
CA TYR A 331 -16.79 -20.10 -4.88
C TYR A 331 -17.23 -21.39 -4.21
N GLU A 332 -17.39 -21.39 -2.89
CA GLU A 332 -18.07 -22.51 -2.25
C GLU A 332 -19.55 -22.55 -2.61
N GLU A 333 -20.08 -21.48 -3.22
CA GLU A 333 -21.41 -21.49 -3.81
C GLU A 333 -21.37 -21.84 -5.29
N VAL A 334 -20.20 -22.15 -5.85
CA VAL A 334 -20.01 -22.36 -7.28
C VAL A 334 -19.53 -23.78 -7.57
N VAL A 335 -18.45 -24.20 -6.93
CA VAL A 335 -17.84 -25.49 -7.23
C VAL A 335 -18.72 -26.62 -6.72
N GLY A 336 -18.67 -27.74 -7.41
CA GLY A 336 -19.35 -28.90 -6.87
C GLY A 336 -20.72 -29.11 -7.47
N ARG A 337 -21.17 -30.37 -7.43
CA ARG A 337 -22.42 -30.77 -8.07
C ARG A 337 -23.65 -30.19 -7.37
N GLY A 338 -23.56 -29.87 -6.09
CA GLY A 338 -24.68 -29.24 -5.40
C GLY A 338 -24.79 -27.76 -5.62
N LYS A 339 -23.81 -27.17 -6.30
CA LYS A 339 -23.80 -25.73 -6.54
C LYS A 339 -23.90 -25.54 -8.05
N LEU A 340 -22.95 -24.87 -8.68
CA LEU A 340 -23.01 -24.60 -10.10
C LEU A 340 -22.19 -25.56 -10.94
N ASP A 341 -21.41 -26.43 -10.30
CA ASP A 341 -20.61 -27.45 -10.99
C ASP A 341 -19.66 -26.83 -12.02
N ARG A 342 -19.00 -25.75 -11.60
CA ARG A 342 -17.97 -25.12 -12.39
C ARG A 342 -16.71 -25.07 -11.54
N PRO A 343 -15.56 -25.35 -12.11
CA PRO A 343 -14.33 -25.38 -11.31
C PRO A 343 -13.82 -23.98 -11.02
N CYS A 344 -13.03 -23.90 -9.96
CA CYS A 344 -12.37 -22.65 -9.62
C CYS A 344 -10.95 -22.96 -9.20
N ARG A 345 -9.99 -22.23 -9.74
CA ARG A 345 -8.59 -22.38 -9.35
C ARG A 345 -8.22 -21.27 -8.38
N ILE A 346 -7.80 -21.66 -7.18
CA ILE A 346 -7.41 -20.72 -6.15
C ILE A 346 -5.95 -20.32 -6.38
N TYR A 347 -5.70 -19.01 -6.46
CA TYR A 347 -4.36 -18.50 -6.58
C TYR A 347 -3.75 -18.53 -5.19
N ALA A 348 -2.64 -19.23 -5.01
CA ALA A 348 -2.07 -19.51 -3.69
C ALA A 348 -0.72 -18.85 -3.52
N PRO A 349 -0.64 -17.68 -2.89
CA PRO A 349 0.65 -17.06 -2.64
C PRO A 349 1.40 -17.85 -1.59
N VAL A 350 2.70 -18.05 -1.82
CA VAL A 350 3.55 -18.84 -0.93
C VAL A 350 4.79 -18.01 -0.64
N GLY A 351 5.06 -17.76 0.63
CA GLY A 351 6.26 -17.03 0.98
C GLY A 351 6.19 -16.45 2.38
N THR A 352 7.29 -15.80 2.74
CA THR A 352 7.38 -15.04 3.99
C THR A 352 6.46 -13.82 3.94
N HIS A 353 6.22 -13.25 5.12
CA HIS A 353 5.39 -12.03 5.14
C HIS A 353 6.10 -10.87 4.46
N GLU A 354 7.43 -10.81 4.53
CA GLU A 354 8.17 -9.72 3.91
C GLU A 354 8.09 -9.77 2.40
N THR A 355 8.25 -10.96 1.80
CA THR A 355 8.21 -11.02 0.34
C THR A 355 6.83 -10.73 -0.22
N LEU A 356 5.78 -10.80 0.60
CA LEU A 356 4.41 -10.64 0.13
C LEU A 356 3.81 -9.29 0.50
N LEU A 357 4.62 -8.37 1.04
CA LEU A 357 4.11 -7.08 1.46
C LEU A 357 3.48 -6.34 0.30
N ALA A 358 4.16 -6.29 -0.85
CA ALA A 358 3.62 -5.55 -1.99
C ALA A 358 2.28 -6.14 -2.45
N TYR A 359 2.18 -7.47 -2.43
CA TYR A 359 0.92 -8.15 -2.73
C TYR A 359 -0.16 -7.79 -1.73
N LEU A 360 0.17 -7.78 -0.44
CA LEU A 360 -0.83 -7.42 0.57
C LEU A 360 -1.28 -5.98 0.41
N VAL A 361 -0.37 -5.08 0.03
CA VAL A 361 -0.78 -3.70 -0.24
C VAL A 361 -1.85 -3.69 -1.32
N ARG A 362 -1.62 -4.45 -2.41
CA ARG A 362 -2.62 -4.49 -3.47
C ARG A 362 -3.92 -5.10 -2.97
N ARG A 363 -3.85 -6.09 -2.08
CA ARG A 363 -5.08 -6.64 -1.50
C ARG A 363 -5.79 -5.61 -0.64
N LEU A 364 -5.04 -4.73 0.04
CA LEU A 364 -5.65 -3.65 0.79
C LEU A 364 -6.36 -2.68 -0.15
N LEU A 365 -5.68 -2.29 -1.23
CA LEU A 365 -6.31 -1.40 -2.20
C LEU A 365 -7.54 -2.02 -2.81
N GLU A 366 -7.48 -3.32 -3.10
CA GLU A 366 -8.61 -4.03 -3.68
C GLU A 366 -9.74 -4.18 -2.66
N ASN A 367 -9.42 -4.61 -1.45
CA ASN A 367 -10.47 -4.90 -0.48
C ASN A 367 -11.05 -3.64 0.14
N GLY A 368 -10.27 -2.56 0.22
CA GLY A 368 -10.69 -1.36 0.91
C GLY A 368 -11.35 -0.30 0.07
N ALA A 369 -11.38 -0.47 -1.24
CA ALA A 369 -11.96 0.53 -2.11
C ALA A 369 -13.48 0.44 -2.08
N ASN A 370 -14.15 1.60 -1.93
CA ASN A 370 -15.61 1.62 -1.93
C ASN A 370 -16.17 1.03 -3.22
N SER A 371 -15.40 1.04 -4.31
CA SER A 371 -15.89 0.52 -5.58
C SER A 371 -15.76 -0.99 -5.69
N SER A 372 -15.02 -1.65 -4.81
CA SER A 372 -14.80 -3.08 -4.95
C SER A 372 -16.01 -3.88 -4.47
N PHE A 373 -16.39 -4.88 -5.27
CA PHE A 373 -17.46 -5.79 -4.89
C PHE A 373 -17.23 -6.33 -3.47
N VAL A 374 -16.01 -6.74 -3.17
CA VAL A 374 -15.77 -7.36 -1.87
C VAL A 374 -15.92 -6.34 -0.75
N HIS A 375 -15.74 -5.06 -1.06
CA HIS A 375 -16.04 -4.07 -0.05
C HIS A 375 -17.54 -3.82 0.04
N ARG A 376 -18.18 -3.67 -1.12
CA ARG A 376 -19.60 -3.35 -1.17
C ARG A 376 -20.45 -4.45 -0.57
N ILE A 377 -20.02 -5.71 -0.69
CA ILE A 377 -20.82 -6.82 -0.20
C ILE A 377 -20.99 -6.75 1.31
N ASN A 378 -20.09 -6.05 2.00
CA ASN A 378 -20.15 -5.81 3.44
C ASN A 378 -20.68 -4.44 3.79
N ASP A 379 -21.03 -3.64 2.79
CA ASP A 379 -21.44 -2.27 3.02
C ASP A 379 -22.95 -2.23 3.24
N PRO A 380 -23.43 -1.93 4.45
CA PRO A 380 -24.89 -1.88 4.66
C PRO A 380 -25.58 -0.75 3.92
N LYS A 381 -24.84 0.17 3.30
CA LYS A 381 -25.46 1.16 2.42
C LYS A 381 -25.76 0.62 1.04
N VAL A 382 -25.16 -0.51 0.66
CA VAL A 382 -25.26 -1.08 -0.69
C VAL A 382 -26.31 -2.19 -0.68
N SER A 383 -27.33 -2.03 -1.52
CA SER A 383 -28.39 -3.01 -1.63
C SER A 383 -27.95 -4.16 -2.54
N ILE A 384 -28.72 -5.24 -2.51
CA ILE A 384 -28.46 -6.36 -3.41
C ILE A 384 -28.82 -5.98 -4.84
N ASP A 385 -29.87 -5.19 -5.04
CA ASP A 385 -30.21 -4.74 -6.39
C ASP A 385 -29.05 -4.01 -7.04
N GLU A 386 -28.39 -3.14 -6.28
CA GLU A 386 -27.18 -2.49 -6.79
C GLU A 386 -26.07 -3.48 -7.07
N LEU A 387 -25.96 -4.52 -6.24
CA LEU A 387 -24.88 -5.48 -6.44
C LEU A 387 -25.10 -6.34 -7.68
N ILE A 388 -26.35 -6.58 -8.07
CA ILE A 388 -26.62 -7.39 -9.25
C ILE A 388 -26.84 -6.56 -10.50
N ALA A 389 -26.64 -5.25 -10.43
CA ALA A 389 -26.76 -4.39 -11.59
C ALA A 389 -25.87 -4.88 -12.72
N ASP A 390 -26.41 -4.89 -13.93
CA ASP A 390 -25.61 -5.22 -15.10
C ASP A 390 -24.82 -3.98 -15.52
N PRO A 391 -23.49 -4.05 -15.53
CA PRO A 391 -22.69 -2.86 -15.85
C PRO A 391 -23.05 -2.19 -17.17
N VAL A 392 -23.34 -2.96 -18.21
CA VAL A 392 -23.70 -2.36 -19.50
C VAL A 392 -24.97 -1.54 -19.36
N GLU A 393 -25.97 -2.07 -18.65
CA GLU A 393 -27.18 -1.30 -18.39
C GLU A 393 -26.88 0.00 -17.66
N VAL A 394 -25.96 -0.04 -16.70
CA VAL A 394 -25.69 1.14 -15.88
C VAL A 394 -24.76 2.11 -16.60
N ARG B 2 24.05 35.17 3.55
CA ARG B 2 22.65 34.78 3.47
C ARG B 2 22.11 34.41 4.86
N PRO B 3 20.85 34.74 5.11
CA PRO B 3 20.26 34.43 6.43
C PRO B 3 20.32 32.94 6.74
N GLN B 4 20.78 32.62 7.95
CA GLN B 4 20.93 31.25 8.41
C GLN B 4 21.71 30.42 7.40
N SER B 5 22.68 31.03 6.74
CA SER B 5 23.44 30.33 5.71
C SER B 5 24.11 29.08 6.28
N THR B 6 24.73 29.20 7.45
CA THR B 6 25.47 28.06 8.00
C THR B 6 24.53 26.91 8.30
N LEU B 7 23.39 27.20 8.91
CA LEU B 7 22.42 26.16 9.21
C LEU B 7 21.79 25.58 7.96
N ARG B 8 21.48 26.43 6.99
CA ARG B 8 20.87 25.93 5.75
C ARG B 8 21.86 25.11 4.95
N ARG B 9 23.11 25.58 4.84
CA ARG B 9 24.14 24.82 4.14
C ARG B 9 24.32 23.44 4.74
N ALA B 10 24.19 23.33 6.07
CA ALA B 10 24.37 22.05 6.73
C ALA B 10 23.26 21.08 6.35
N ILE B 11 22.03 21.59 6.20
CA ILE B 11 20.92 20.75 5.74
C ILE B 11 21.20 20.22 4.34
N THR B 12 21.46 21.14 3.41
CA THR B 12 21.82 20.73 2.05
C THR B 12 22.99 19.76 2.06
N ALA B 13 24.01 20.03 2.88
CA ALA B 13 25.20 19.18 2.91
C ALA B 13 24.86 17.77 3.38
N ALA B 14 23.89 17.63 4.27
CA ALA B 14 23.52 16.31 4.78
C ALA B 14 22.66 15.53 3.78
N TYR B 15 21.85 16.23 3.00
CA TYR B 15 21.03 15.62 1.96
C TYR B 15 21.82 14.61 1.13
N ARG B 16 23.02 15.02 0.71
CA ARG B 16 23.86 14.20 -0.17
C ARG B 16 24.89 13.38 0.57
N ARG B 17 24.91 13.42 1.91
CA ARG B 17 25.99 12.79 2.65
C ARG B 17 25.85 11.28 2.58
N PRO B 18 26.94 10.55 2.32
CA PRO B 18 26.86 9.08 2.38
C PRO B 18 26.37 8.62 3.74
N GLU B 19 25.61 7.53 3.74
CA GLU B 19 24.98 7.07 4.97
C GLU B 19 26.00 6.74 6.05
N THR B 20 27.11 6.08 5.68
CA THR B 20 28.10 5.74 6.70
C THR B 20 28.68 6.99 7.36
N GLU B 21 28.73 8.12 6.62
CA GLU B 21 29.27 9.35 7.18
C GLU B 21 28.30 10.02 8.15
N CYS B 22 26.99 9.83 7.95
CA CYS B 22 26.01 10.45 8.85
C CYS B 22 25.98 9.80 10.22
N LEU B 23 26.44 8.56 10.35
CA LEU B 23 26.13 7.75 11.52
C LEU B 23 26.96 8.06 12.78
N PRO B 24 28.28 8.22 12.69
CA PRO B 24 29.09 8.37 13.92
C PRO B 24 28.61 9.50 14.82
N PRO B 25 28.32 10.70 14.29
CA PRO B 25 27.81 11.76 15.19
C PRO B 25 26.49 11.39 15.83
N LEU B 26 25.58 10.76 15.09
CA LEU B 26 24.33 10.30 15.67
C LEU B 26 24.59 9.31 16.81
N VAL B 27 25.53 8.38 16.60
CA VAL B 27 25.86 7.40 17.63
C VAL B 27 26.36 8.09 18.88
N GLU B 28 27.21 9.11 18.71
CA GLU B 28 27.78 9.81 19.86
C GLU B 28 26.69 10.53 20.66
N ALA B 29 25.74 11.18 19.97
CA ALA B 29 24.68 11.86 20.70
C ALA B 29 23.70 10.87 21.32
N ALA B 30 23.54 9.70 20.71
CA ALA B 30 22.53 8.74 21.17
C ALA B 30 23.03 7.84 22.29
N THR B 31 24.34 7.77 22.53
CA THR B 31 24.88 6.98 23.63
C THR B 31 24.55 7.65 24.96
N GLN B 32 23.89 6.92 25.84
CA GLN B 32 23.53 7.41 27.17
C GLN B 32 24.32 6.65 28.23
N SER B 33 24.16 7.10 29.47
CA SER B 33 24.86 6.50 30.60
C SER B 33 24.47 5.03 30.76
N LYS B 34 25.31 4.28 31.48
CA LYS B 34 24.99 2.89 31.76
C LYS B 34 23.84 2.75 32.74
N GLU B 35 23.72 3.68 33.69
CA GLU B 35 22.59 3.66 34.61
C GLU B 35 21.28 3.98 33.88
N ILE B 36 21.35 4.86 32.87
CA ILE B 36 20.17 5.19 32.08
C ILE B 36 19.80 4.04 31.16
N ARG B 37 20.79 3.44 30.49
CA ARG B 37 20.50 2.30 29.62
C ARG B 37 19.85 1.18 30.41
N ASP B 38 20.31 0.95 31.64
CA ASP B 38 19.73 -0.11 32.46
C ASP B 38 18.31 0.22 32.86
N ALA B 39 18.05 1.48 33.20
CA ALA B 39 16.70 1.89 33.55
C ALA B 39 15.80 1.83 32.32
N ALA B 40 16.29 2.31 31.17
CA ALA B 40 15.52 2.22 29.94
C ALA B 40 15.19 0.77 29.59
N ALA B 41 16.13 -0.15 29.78
CA ALA B 41 15.84 -1.53 29.44
C ALA B 41 14.80 -2.12 30.37
N SER B 42 14.87 -1.73 31.65
CA SER B 42 13.86 -2.16 32.62
C SER B 42 12.48 -1.62 32.25
N THR B 43 12.41 -0.32 31.93
CA THR B 43 11.14 0.28 31.53
C THR B 43 10.61 -0.36 30.25
N ALA B 44 11.47 -0.54 29.25
CA ALA B 44 11.02 -1.14 27.99
C ALA B 44 10.56 -2.57 28.20
N ARG B 45 11.27 -3.32 29.04
CA ARG B 45 10.81 -4.66 29.37
C ARG B 45 9.41 -4.63 29.97
N LYS B 46 9.19 -3.74 30.95
CA LYS B 46 7.89 -3.63 31.58
C LYS B 46 6.82 -3.24 30.58
N LEU B 47 7.13 -2.29 29.70
CA LEU B 47 6.14 -1.87 28.70
C LEU B 47 5.80 -3.00 27.76
N ILE B 48 6.79 -3.78 27.33
CA ILE B 48 6.57 -4.85 26.37
C ILE B 48 5.85 -6.01 27.02
N GLU B 49 6.19 -6.32 28.28
CA GLU B 49 5.48 -7.42 28.94
C GLU B 49 4.03 -7.05 29.21
N ALA B 50 3.75 -5.77 29.48
CA ALA B 50 2.38 -5.32 29.58
C ALA B 50 1.66 -5.47 28.23
N LEU B 51 2.32 -5.07 27.14
CA LEU B 51 1.69 -5.15 25.83
C LEU B 51 1.42 -6.59 25.42
N ARG B 52 2.48 -7.39 25.33
CA ARG B 52 2.32 -8.79 24.94
C ARG B 52 1.38 -9.55 25.88
N GLY B 53 1.15 -9.03 27.08
CA GLY B 53 0.37 -9.74 28.08
C GLY B 53 -1.11 -9.41 28.13
N LYS B 54 -1.53 -8.29 27.52
CA LYS B 54 -2.90 -7.81 27.66
C LYS B 54 -3.71 -7.81 26.37
N HIS B 55 -3.07 -7.75 25.20
CA HIS B 55 -3.81 -7.70 23.95
C HIS B 55 -3.01 -8.35 22.83
N GLY B 66 -9.14 -2.27 7.51
CA GLY B 66 -8.61 -1.87 8.80
C GLY B 66 -9.13 -0.54 9.32
N GLU B 67 -10.41 -0.51 9.69
CA GLU B 67 -11.08 0.71 10.15
C GLU B 67 -10.62 1.19 11.52
N GLN B 68 -9.75 0.44 12.20
CA GLN B 68 -9.31 0.81 13.54
C GLN B 68 -8.41 2.03 13.55
N PHE B 69 -7.91 2.47 12.40
CA PHE B 69 -7.04 3.63 12.32
C PHE B 69 -7.80 4.94 12.15
N VAL B 70 -9.09 4.90 11.83
CA VAL B 70 -9.89 6.09 11.57
C VAL B 70 -10.72 6.40 12.83
N THR B 71 -10.53 7.59 13.39
CA THR B 71 -11.28 7.98 14.58
C THR B 71 -12.75 8.21 14.28
N GLY B 72 -13.07 8.69 13.08
CA GLY B 72 -14.44 8.97 12.72
C GLY B 72 -14.55 9.55 11.32
N GLU B 73 -15.75 9.48 10.73
CA GLU B 73 -15.94 10.02 9.39
C GLU B 73 -16.08 11.54 9.41
N THR B 74 -16.57 12.10 10.51
CA THR B 74 -16.67 13.54 10.67
C THR B 74 -15.83 13.97 11.85
N ILE B 75 -15.43 15.24 11.85
CA ILE B 75 -14.77 15.78 13.02
C ILE B 75 -15.74 15.86 14.18
N ARG B 76 -17.05 15.78 13.90
CA ARG B 76 -18.05 15.75 14.97
C ARG B 76 -17.97 14.43 15.74
N GLU B 77 -18.00 13.31 15.03
CA GLU B 77 -17.89 12.01 15.70
C GLU B 77 -16.52 11.82 16.32
N ALA B 78 -15.48 12.34 15.67
CA ALA B 78 -14.14 12.23 16.24
C ALA B 78 -14.02 13.01 17.55
N LEU B 79 -14.61 14.21 17.61
CA LEU B 79 -14.54 14.99 18.84
C LEU B 79 -15.36 14.37 19.96
N LYS B 80 -16.46 13.70 19.62
CA LYS B 80 -17.25 13.04 20.65
C LYS B 80 -16.49 11.86 21.24
N ARG B 81 -15.87 11.04 20.37
CA ARG B 81 -15.15 9.84 20.79
C ARG B 81 -13.88 10.13 21.59
N SER B 82 -13.54 11.39 21.81
CA SER B 82 -12.28 11.73 22.45
C SER B 82 -12.37 11.86 23.96
N LYS B 83 -13.57 11.94 24.52
CA LYS B 83 -13.72 12.25 25.95
C LYS B 83 -13.11 11.16 26.81
N GLU B 84 -13.32 9.89 26.45
CA GLU B 84 -12.89 8.78 27.29
C GLU B 84 -11.40 8.85 27.62
N LEU B 85 -10.54 8.80 26.60
CA LEU B 85 -9.12 8.80 26.87
C LEU B 85 -8.58 10.19 27.20
N GLU B 86 -9.33 11.27 26.92
CA GLU B 86 -8.91 12.57 27.43
C GLU B 86 -9.05 12.63 28.95
N GLU B 87 -10.14 12.09 29.48
CA GLU B 87 -10.28 12.00 30.93
C GLU B 87 -9.19 11.13 31.54
N LYS B 88 -8.73 10.12 30.80
CA LYS B 88 -7.58 9.34 31.24
C LYS B 88 -6.28 10.12 31.17
N GLY B 89 -6.24 11.24 30.46
CA GLY B 89 -5.06 12.07 30.36
C GLY B 89 -4.41 12.13 28.99
N PHE B 90 -5.00 11.49 27.99
CA PHE B 90 -4.52 11.67 26.62
C PHE B 90 -4.98 13.01 26.07
N SER B 91 -4.30 13.47 25.02
CA SER B 91 -4.77 14.58 24.20
C SER B 91 -4.86 14.09 22.76
N TYR B 92 -5.37 14.94 21.86
CA TYR B 92 -5.58 14.55 20.47
C TYR B 92 -5.03 15.59 19.49
N SER B 93 -4.62 15.10 18.33
CA SER B 93 -4.34 15.91 17.15
C SER B 93 -5.13 15.31 15.99
N TYR B 94 -6.10 16.05 15.48
CA TYR B 94 -6.90 15.57 14.37
C TYR B 94 -6.28 15.95 13.05
N ASP B 95 -6.47 15.08 12.05
CA ASP B 95 -6.17 15.38 10.65
C ASP B 95 -7.41 15.08 9.84
N MET B 96 -7.92 16.09 9.12
CA MET B 96 -8.93 15.85 8.12
C MET B 96 -8.29 15.13 6.95
N LEU B 97 -8.25 13.79 7.01
CA LEU B 97 -7.50 12.95 6.09
C LEU B 97 -7.58 13.45 4.64
N GLY B 98 -6.54 14.15 4.21
CA GLY B 98 -6.44 14.66 2.86
C GLY B 98 -5.00 14.85 2.45
N GLU B 99 -4.67 14.46 1.23
CA GLU B 99 -3.30 14.60 0.76
C GLU B 99 -3.26 14.48 -0.75
N ALA B 100 -2.19 15.03 -1.32
CA ALA B 100 -1.90 14.91 -2.74
C ALA B 100 -3.07 15.45 -3.58
N ALA B 101 -3.32 16.75 -3.41
CA ALA B 101 -4.39 17.41 -4.12
C ALA B 101 -4.17 17.29 -5.62
N THR B 102 -5.07 16.61 -6.32
CA THR B 102 -4.95 16.40 -7.74
C THR B 102 -5.69 17.45 -8.55
N THR B 103 -6.28 18.45 -7.90
CA THR B 103 -7.00 19.52 -8.59
C THR B 103 -6.95 20.78 -7.74
N ALA B 104 -7.12 21.93 -8.41
CA ALA B 104 -7.20 23.19 -7.68
C ALA B 104 -8.46 23.25 -6.82
N ALA B 105 -9.57 22.71 -7.33
CA ALA B 105 -10.78 22.63 -6.53
C ALA B 105 -10.59 21.70 -5.33
N ASP B 106 -9.78 20.65 -5.50
CA ASP B 106 -9.51 19.73 -4.40
C ASP B 106 -8.77 20.43 -3.27
N ALA B 107 -7.79 21.28 -3.60
CA ALA B 107 -7.04 22.00 -2.58
C ALA B 107 -7.94 22.93 -1.78
N GLU B 108 -8.76 23.74 -2.48
CA GLU B 108 -9.65 24.66 -1.78
C GLU B 108 -10.66 23.90 -0.92
N ARG B 109 -11.11 22.73 -1.39
CA ARG B 109 -12.02 21.92 -0.61
C ARG B 109 -11.36 21.44 0.68
N TYR B 110 -10.16 20.87 0.56
CA TYR B 110 -9.40 20.52 1.75
C TYR B 110 -9.23 21.71 2.67
N TYR B 111 -8.92 22.87 2.09
CA TYR B 111 -8.71 24.07 2.91
C TYR B 111 -9.97 24.38 3.73
N ARG B 112 -11.14 24.33 3.09
CA ARG B 112 -12.38 24.61 3.82
C ARG B 112 -12.65 23.56 4.88
N ASP B 113 -12.35 22.30 4.59
CA ASP B 113 -12.51 21.26 5.59
C ASP B 113 -11.55 21.47 6.76
N TYR B 114 -10.31 21.89 6.47
CA TYR B 114 -9.36 22.23 7.52
C TYR B 114 -9.83 23.46 8.31
N GLU B 115 -10.31 24.47 7.60
CA GLU B 115 -10.84 25.66 8.26
C GLU B 115 -11.99 25.32 9.19
N SER B 116 -13.00 24.61 8.67
CA SER B 116 -14.14 24.23 9.51
C SER B 116 -13.71 23.31 10.64
N ALA B 117 -12.71 22.45 10.40
CA ALA B 117 -12.24 21.57 11.46
C ALA B 117 -11.58 22.37 12.59
N ILE B 118 -10.80 23.39 12.25
CA ILE B 118 -10.18 24.20 13.30
C ILE B 118 -11.24 24.87 14.16
N HIS B 119 -12.31 25.39 13.53
CA HIS B 119 -13.42 25.96 14.29
C HIS B 119 -14.02 24.92 15.25
N ALA B 120 -14.20 23.69 14.76
CA ALA B 120 -14.81 22.65 15.60
C ALA B 120 -13.84 22.18 16.68
N ILE B 121 -12.56 22.03 16.33
CA ILE B 121 -11.57 21.66 17.33
C ILE B 121 -11.35 22.78 18.32
N GLY B 122 -11.36 24.03 17.85
CA GLY B 122 -11.18 25.16 18.74
C GLY B 122 -12.30 25.31 19.74
N LYS B 123 -13.54 25.10 19.29
CA LYS B 123 -14.67 25.15 20.21
C LYS B 123 -14.60 24.02 21.23
N ALA B 124 -14.28 22.81 20.79
CA ALA B 124 -14.16 21.69 21.73
C ALA B 124 -13.04 21.94 22.73
N SER B 125 -11.91 22.47 22.26
CA SER B 125 -10.80 22.75 23.17
C SER B 125 -11.23 23.64 24.32
N ALA B 126 -12.10 24.61 24.05
CA ALA B 126 -12.69 25.47 25.08
C ALA B 126 -11.63 26.12 25.96
N GLY B 127 -10.53 26.53 25.34
CA GLY B 127 -9.51 27.26 26.06
C GLY B 127 -8.52 26.41 26.85
N ARG B 128 -8.45 25.10 26.57
CA ARG B 128 -7.47 24.28 27.28
C ARG B 128 -6.04 24.55 26.83
N GLY B 129 -5.83 25.29 25.76
CA GLY B 129 -4.48 25.60 25.33
C GLY B 129 -3.89 24.53 24.42
N ILE B 130 -2.68 24.83 23.95
CA ILE B 130 -2.07 23.99 22.94
C ILE B 130 -1.48 22.70 23.48
N TYR B 131 -1.30 22.59 24.80
CA TYR B 131 -0.70 21.38 25.39
C TYR B 131 -1.73 20.40 25.93
N GLU B 132 -2.72 20.90 26.66
CA GLU B 132 -3.72 20.02 27.26
C GLU B 132 -4.89 19.76 26.32
N GLY B 133 -5.13 20.67 25.38
CA GLY B 133 -6.31 20.58 24.54
C GLY B 133 -5.97 20.06 23.17
N PRO B 134 -6.99 19.81 22.36
CA PRO B 134 -6.75 19.20 21.04
C PRO B 134 -6.07 20.16 20.10
N GLY B 135 -5.44 19.57 19.08
CA GLY B 135 -4.84 20.32 18.00
C GLY B 135 -5.19 19.70 16.66
N ILE B 136 -4.69 20.34 15.62
CA ILE B 136 -4.91 19.84 14.27
C ILE B 136 -3.55 19.63 13.61
N SER B 137 -3.52 18.69 12.68
CA SER B 137 -2.36 18.43 11.85
C SER B 137 -2.82 18.47 10.41
N ILE B 138 -1.97 19.02 9.54
CA ILE B 138 -2.32 19.16 8.13
C ILE B 138 -1.14 18.68 7.29
N LYS B 139 -1.47 18.17 6.13
CA LYS B 139 -0.45 17.82 5.15
C LYS B 139 -0.50 18.89 4.06
N LEU B 140 0.64 19.52 3.80
CA LEU B 140 0.68 20.60 2.81
C LEU B 140 0.29 20.13 1.41
N SER B 141 0.40 18.83 1.13
CA SER B 141 0.01 18.33 -0.19
C SER B 141 -1.50 18.35 -0.39
N ALA B 142 -2.27 18.52 0.67
CA ALA B 142 -3.72 18.66 0.55
C ALA B 142 -4.12 20.07 0.13
N LEU B 143 -3.27 21.05 0.37
CA LEU B 143 -3.65 22.45 0.24
C LEU B 143 -3.14 23.07 -1.05
N HIS B 144 -2.35 22.36 -1.85
CA HIS B 144 -1.93 22.88 -3.14
C HIS B 144 -2.09 21.80 -4.20
N PRO B 145 -2.69 22.13 -5.35
CA PRO B 145 -2.77 21.14 -6.43
C PRO B 145 -1.39 20.86 -7.00
N ARG B 146 -1.13 19.59 -7.30
CA ARG B 146 0.19 19.14 -7.73
C ARG B 146 1.29 19.73 -6.83
N TYR B 147 1.13 19.52 -5.53
CA TYR B 147 2.08 20.06 -4.56
C TYR B 147 3.49 19.53 -4.83
N SER B 148 3.60 18.24 -5.17
CA SER B 148 4.89 17.63 -5.42
C SER B 148 5.44 17.92 -6.81
N ARG B 149 4.70 18.63 -7.66
CA ARG B 149 5.09 18.86 -9.05
C ARG B 149 5.30 20.32 -9.41
N ALA B 150 4.45 21.22 -8.92
CA ALA B 150 4.62 22.64 -9.23
C ALA B 150 5.81 23.23 -8.48
N GLN B 151 6.27 24.38 -8.96
CA GLN B 151 7.46 25.02 -8.40
C GLN B 151 7.19 25.58 -7.00
N ALA B 152 8.26 25.98 -6.32
CA ALA B 152 8.17 26.59 -5.00
C ALA B 152 7.79 28.07 -5.05
N ALA B 153 7.85 28.69 -6.23
CA ALA B 153 7.39 30.06 -6.38
C ALA B 153 5.88 30.11 -6.13
N ARG B 154 5.12 29.43 -7.00
CA ARG B 154 3.66 29.41 -6.86
C ARG B 154 3.20 28.60 -5.68
N VAL B 155 4.04 27.68 -5.17
CA VAL B 155 3.71 26.97 -3.94
C VAL B 155 3.71 27.94 -2.76
N MET B 156 4.84 28.61 -2.54
CA MET B 156 4.92 29.59 -1.44
C MET B 156 3.86 30.67 -1.59
N GLY B 157 3.68 31.19 -2.81
CA GLY B 157 2.78 32.32 -3.00
C GLY B 157 1.30 32.00 -2.84
N GLU B 158 0.91 30.74 -2.96
CA GLU B 158 -0.47 30.34 -2.77
C GLU B 158 -0.68 29.47 -1.54
N LEU B 159 0.32 28.72 -1.13
CA LEU B 159 0.17 27.91 0.08
C LEU B 159 0.35 28.74 1.33
N LEU B 160 1.39 29.59 1.38
CA LEU B 160 1.64 30.40 2.57
C LEU B 160 0.43 31.22 3.00
N PRO B 161 -0.29 31.92 2.11
CA PRO B 161 -1.54 32.57 2.55
C PRO B 161 -2.56 31.59 3.10
N ARG B 162 -2.62 30.36 2.59
CA ARG B 162 -3.63 29.41 3.03
C ARG B 162 -3.29 28.84 4.40
N VAL B 163 -2.01 28.53 4.63
CA VAL B 163 -1.61 28.01 5.93
C VAL B 163 -1.58 29.14 6.96
N LYS B 164 -1.26 30.35 6.54
CA LYS B 164 -1.29 31.45 7.49
C LYS B 164 -2.70 31.69 8.01
N ALA B 165 -3.69 31.66 7.12
CA ALA B 165 -5.09 31.79 7.55
C ALA B 165 -5.44 30.69 8.54
N LEU B 166 -5.07 29.45 8.23
CA LEU B 166 -5.29 28.34 9.15
C LEU B 166 -4.56 28.59 10.46
N ALA B 167 -3.30 29.03 10.39
CA ALA B 167 -2.54 29.31 11.59
C ALA B 167 -3.18 30.43 12.40
N LEU B 168 -3.77 31.42 11.72
CA LEU B 168 -4.46 32.47 12.45
C LEU B 168 -5.67 31.92 13.20
N LEU B 169 -6.47 31.07 12.53
CA LEU B 169 -7.62 30.48 13.21
C LEU B 169 -7.17 29.67 14.43
N ALA B 170 -6.12 28.86 14.27
CA ALA B 170 -5.61 28.08 15.39
C ALA B 170 -5.12 29.00 16.50
N LYS B 171 -4.42 30.09 16.15
CA LYS B 171 -4.05 31.07 17.15
C LYS B 171 -5.28 31.65 17.84
N ASN B 172 -6.33 31.94 17.08
CA ASN B 172 -7.54 32.50 17.66
C ASN B 172 -8.16 31.58 18.70
N TYR B 173 -8.05 30.27 18.51
CA TYR B 173 -8.58 29.30 19.44
C TYR B 173 -7.52 28.77 20.40
N ASP B 174 -6.26 29.19 20.22
CA ASP B 174 -5.11 28.70 20.98
C ASP B 174 -5.01 27.17 20.95
N ILE B 175 -5.02 26.62 19.74
CA ILE B 175 -4.84 25.19 19.55
C ILE B 175 -3.58 24.96 18.73
N GLY B 176 -3.06 23.74 18.80
CA GLY B 176 -1.93 23.39 17.99
C GLY B 176 -2.30 23.25 16.53
N LEU B 177 -1.35 23.61 15.68
CA LEU B 177 -1.46 23.40 14.24
C LEU B 177 -0.10 22.88 13.81
N ASN B 178 -0.06 21.62 13.41
CA ASN B 178 1.17 20.95 13.07
C ASN B 178 1.23 20.69 11.58
N ILE B 179 2.37 20.97 10.98
CA ILE B 179 2.60 20.67 9.57
C ILE B 179 3.23 19.28 9.49
N ASP B 180 2.48 18.33 8.96
CA ASP B 180 3.01 16.98 8.77
C ASP B 180 4.14 16.98 7.76
N ALA B 181 5.02 16.02 7.88
CA ALA B 181 6.13 15.84 6.95
C ALA B 181 5.81 14.76 5.93
N GLU B 182 6.09 15.05 4.66
CA GLU B 182 5.76 14.11 3.61
C GLU B 182 7.03 13.63 2.91
N GLU B 183 7.04 13.58 1.59
CA GLU B 183 8.23 13.03 0.92
C GLU B 183 9.43 13.93 1.16
N ALA B 184 10.63 13.35 1.01
CA ALA B 184 11.85 14.09 1.32
C ALA B 184 12.03 15.29 0.39
N ASP B 185 11.53 15.23 -0.84
CA ASP B 185 11.74 16.37 -1.72
C ASP B 185 10.83 17.55 -1.40
N ARG B 186 9.90 17.39 -0.46
CA ARG B 186 9.04 18.49 -0.02
C ARG B 186 9.52 19.11 1.28
N LEU B 187 10.63 18.64 1.83
CA LEU B 187 11.07 19.12 3.14
C LEU B 187 11.45 20.59 3.06
N GLU B 188 12.22 20.97 2.05
CA GLU B 188 12.77 22.33 1.97
C GLU B 188 11.67 23.38 1.90
N LEU B 189 10.68 23.19 1.03
CA LEU B 189 9.63 24.20 0.92
C LEU B 189 8.82 24.28 2.20
N SER B 190 8.55 23.13 2.83
CA SER B 190 7.83 23.14 4.09
C SER B 190 8.62 23.86 5.17
N LEU B 191 9.95 23.78 5.11
CA LEU B 191 10.77 24.44 6.13
C LEU B 191 10.80 25.94 5.91
N ASP B 192 10.90 26.37 4.65
CA ASP B 192 10.79 27.80 4.38
C ASP B 192 9.44 28.34 4.84
N LEU B 193 8.37 27.56 4.61
CA LEU B 193 7.03 27.96 5.03
C LEU B 193 6.98 28.16 6.54
N LEU B 194 7.51 27.19 7.29
CA LEU B 194 7.55 27.29 8.74
C LEU B 194 8.27 28.55 9.19
N GLU B 195 9.41 28.85 8.56
CA GLU B 195 10.16 30.04 8.94
C GLU B 195 9.34 31.31 8.74
N VAL B 196 8.70 31.44 7.57
CA VAL B 196 7.94 32.65 7.27
C VAL B 196 6.79 32.82 8.28
N LEU B 197 6.14 31.72 8.65
CA LEU B 197 5.03 31.82 9.60
C LEU B 197 5.52 32.17 11.00
N CYS B 198 6.65 31.59 11.42
CA CYS B 198 7.16 31.86 12.75
C CYS B 198 7.67 33.28 12.91
N LEU B 199 8.05 33.92 11.82
CA LEU B 199 8.49 35.31 11.86
C LEU B 199 7.36 36.29 11.60
N ASP B 200 6.19 35.81 11.17
CA ASP B 200 5.04 36.67 10.92
C ASP B 200 4.50 37.20 12.25
N GLY B 201 4.51 38.52 12.41
CA GLY B 201 3.99 39.13 13.61
C GLY B 201 2.52 38.85 13.86
N ASP B 202 1.75 38.57 12.80
CA ASP B 202 0.32 38.34 12.98
C ASP B 202 0.06 37.11 13.86
N LEU B 203 1.06 36.24 14.01
CA LEU B 203 0.94 35.02 14.81
C LEU B 203 1.66 35.12 16.14
N SER B 204 2.12 36.32 16.51
CA SER B 204 2.87 36.50 17.74
C SER B 204 2.05 36.07 18.94
N GLY B 205 2.73 35.50 19.95
CA GLY B 205 2.10 35.13 21.19
C GLY B 205 1.44 33.78 21.17
N TRP B 206 1.46 33.09 20.04
CA TRP B 206 0.89 31.75 19.92
C TRP B 206 2.03 30.78 19.66
N ASN B 207 2.12 29.75 20.51
CA ASN B 207 3.15 28.73 20.36
C ASN B 207 2.59 27.43 19.79
N GLY B 208 1.45 27.48 19.13
CA GLY B 208 0.86 26.25 18.62
C GLY B 208 1.39 25.77 17.29
N MET B 209 2.27 26.52 16.64
CA MET B 209 2.82 26.10 15.36
C MET B 209 3.70 24.89 15.56
N GLY B 210 3.40 23.81 14.85
CA GLY B 210 4.16 22.58 14.96
C GLY B 210 4.74 22.11 13.64
N PHE B 211 5.77 21.26 13.69
CA PHE B 211 6.45 20.83 12.49
C PHE B 211 6.97 19.43 12.72
N VAL B 212 6.80 18.55 11.74
CA VAL B 212 7.30 17.17 11.87
C VAL B 212 8.70 17.10 11.27
N VAL B 213 9.59 16.36 11.94
CA VAL B 213 10.86 16.00 11.32
C VAL B 213 11.02 14.49 11.39
N GLN B 214 11.49 13.92 10.29
CA GLN B 214 11.54 12.47 10.08
C GLN B 214 12.95 11.98 10.35
N ALA B 215 13.11 11.13 11.37
CA ALA B 215 14.44 10.68 11.76
C ALA B 215 15.08 9.73 10.76
N TYR B 216 14.33 9.16 9.82
CA TYR B 216 15.03 8.36 8.84
C TYR B 216 15.73 9.22 7.79
N GLY B 217 15.55 10.54 7.84
CA GLY B 217 16.21 11.41 6.88
C GLY B 217 17.61 11.77 7.37
N LYS B 218 18.56 11.74 6.44
CA LYS B 218 19.91 12.21 6.73
C LYS B 218 19.92 13.66 7.22
N ARG B 219 18.97 14.48 6.77
CA ARG B 219 18.99 15.90 7.12
C ARG B 219 18.44 16.17 8.52
N CYS B 220 17.89 15.16 9.18
CA CYS B 220 17.10 15.36 10.39
C CYS B 220 17.81 16.18 11.45
N PRO B 221 19.03 15.85 11.91
CA PRO B 221 19.61 16.64 13.00
C PRO B 221 19.87 18.07 12.61
N PHE B 222 20.15 18.30 11.34
CA PHE B 222 20.43 19.65 10.87
C PHE B 222 19.16 20.45 10.60
N VAL B 223 18.08 19.78 10.22
CA VAL B 223 16.78 20.43 10.21
C VAL B 223 16.41 20.82 11.64
N LEU B 224 16.70 19.95 12.59
CA LEU B 224 16.42 20.28 13.98
C LEU B 224 17.24 21.48 14.45
N ASP B 225 18.52 21.55 14.08
CA ASP B 225 19.32 22.73 14.44
C ASP B 225 18.71 23.99 13.88
N PHE B 226 18.19 23.92 12.66
CA PHE B 226 17.60 25.09 12.04
C PHE B 226 16.32 25.49 12.75
N ILE B 227 15.53 24.49 13.17
CA ILE B 227 14.26 24.80 13.82
C ILE B 227 14.48 25.35 15.22
N ILE B 228 15.40 24.74 15.96
CA ILE B 228 15.72 25.28 17.28
C ILE B 228 16.21 26.71 17.15
N ASP B 229 17.08 26.97 16.17
CA ASP B 229 17.55 28.33 15.97
C ASP B 229 16.40 29.26 15.56
N LEU B 230 15.51 28.79 14.68
CA LEU B 230 14.34 29.58 14.32
C LEU B 230 13.49 29.91 15.52
N ALA B 231 13.35 28.94 16.44
CA ALA B 231 12.60 29.16 17.66
C ALA B 231 13.21 30.27 18.49
N ARG B 232 14.55 30.34 18.53
CA ARG B 232 15.22 31.35 19.33
C ARG B 232 15.03 32.74 18.74
N ARG B 233 15.24 32.88 17.44
CA ARG B 233 15.17 34.21 16.85
C ARG B 233 13.74 34.66 16.57
N SER B 234 12.77 33.75 16.51
CA SER B 234 11.38 34.15 16.33
C SER B 234 10.65 34.39 17.64
N GLY B 235 11.13 33.80 18.75
CA GLY B 235 10.41 33.88 20.00
C GLY B 235 9.22 32.94 20.09
N ARG B 236 9.02 32.08 19.10
CA ARG B 236 8.01 31.03 19.14
C ARG B 236 8.58 29.77 19.75
N ARG B 237 7.75 29.07 20.53
CA ARG B 237 8.14 27.77 21.06
C ARG B 237 7.62 26.66 20.15
N ILE B 238 8.39 26.36 19.11
CA ILE B 238 7.92 25.50 18.04
C ILE B 238 7.66 24.10 18.58
N MET B 239 6.47 23.58 18.31
CA MET B 239 6.21 22.17 18.60
C MET B 239 6.86 21.35 17.51
N VAL B 240 7.72 20.42 17.91
CA VAL B 240 8.49 19.62 16.98
C VAL B 240 8.07 18.18 17.19
N ARG B 241 7.38 17.64 16.21
CA ARG B 241 7.03 16.22 16.26
C ARG B 241 8.14 15.42 15.57
N LEU B 242 8.84 14.61 16.35
CA LEU B 242 9.89 13.75 15.82
C LEU B 242 9.25 12.41 15.47
N VAL B 243 9.27 12.05 14.20
CA VAL B 243 8.83 10.74 13.76
C VAL B 243 10.02 10.01 13.15
N LYS B 244 9.92 8.69 13.02
CA LYS B 244 10.94 8.05 12.22
C LYS B 244 10.70 8.28 10.74
N GLY B 245 9.46 8.20 10.28
CA GLY B 245 9.18 8.48 8.89
C GLY B 245 8.28 7.45 8.23
N ALA B 246 7.27 7.90 7.48
CA ALA B 246 6.23 7.03 6.97
C ALA B 246 6.41 6.56 5.53
N TYR B 247 7.41 7.09 4.81
CA TYR B 247 7.49 6.91 3.36
C TYR B 247 8.73 6.14 2.93
N TRP B 248 9.27 5.28 3.80
CA TRP B 248 10.58 4.71 3.54
C TRP B 248 10.59 3.92 2.23
N ASP B 249 9.61 3.04 2.04
CA ASP B 249 9.60 2.23 0.82
C ASP B 249 9.47 3.11 -0.41
N ALA B 250 8.64 4.15 -0.32
CA ALA B 250 8.46 5.06 -1.44
C ALA B 250 9.73 5.83 -1.73
N GLU B 251 10.40 6.34 -0.69
CA GLU B 251 11.65 7.07 -0.88
C GLU B 251 12.71 6.21 -1.55
N ILE B 252 12.85 4.95 -1.12
CA ILE B 252 13.80 4.06 -1.77
C ILE B 252 13.46 3.92 -3.25
N LYS B 253 12.18 3.76 -3.55
CA LYS B 253 11.78 3.52 -4.94
C LYS B 253 11.94 4.77 -5.79
N ARG B 254 11.70 5.94 -5.19
CA ARG B 254 11.86 7.20 -5.92
C ARG B 254 13.34 7.49 -6.22
N ALA B 255 14.21 7.25 -5.23
CA ALA B 255 15.64 7.49 -5.41
C ALA B 255 16.21 6.62 -6.52
N GLN B 256 15.83 5.34 -6.55
CA GLN B 256 16.28 4.47 -7.63
C GLN B 256 15.70 4.91 -8.98
N LEU B 257 14.42 5.28 -9.02
CA LEU B 257 13.83 5.71 -10.29
C LEU B 257 14.31 7.09 -10.71
N ASP B 258 14.58 7.99 -9.75
CA ASP B 258 15.21 9.27 -10.08
C ASP B 258 16.68 9.13 -10.47
N GLY B 259 17.26 7.93 -10.34
CA GLY B 259 18.62 7.68 -10.75
C GLY B 259 19.68 8.04 -9.74
N LEU B 260 19.29 8.32 -8.50
CA LEU B 260 20.25 8.74 -7.48
C LEU B 260 21.19 7.59 -7.12
N ALA B 261 22.43 7.95 -6.81
CA ALA B 261 23.42 7.00 -6.32
C ALA B 261 23.41 6.89 -4.79
N ASP B 262 22.76 7.81 -4.10
CA ASP B 262 22.69 7.82 -2.64
C ASP B 262 21.33 8.37 -2.21
N PHE B 263 20.73 7.73 -1.21
CA PHE B 263 19.37 7.97 -0.77
C PHE B 263 19.28 9.15 0.19
N PRO B 264 18.11 9.77 0.30
CA PRO B 264 17.94 10.84 1.29
C PRO B 264 17.61 10.31 2.68
N VAL B 265 17.30 9.01 2.77
CA VAL B 265 16.92 8.35 4.01
C VAL B 265 17.90 7.23 4.28
N PHE B 266 17.94 6.80 5.54
CA PHE B 266 18.76 5.66 5.89
C PHE B 266 18.19 4.38 5.28
N THR B 267 19.07 3.41 5.09
CA THR B 267 18.68 2.13 4.52
C THR B 267 18.74 0.99 5.54
N ARG B 268 19.30 1.22 6.72
CA ARG B 268 19.28 0.23 7.79
C ARG B 268 18.37 0.74 8.88
N LYS B 269 17.40 -0.09 9.27
CA LYS B 269 16.37 0.36 10.20
C LYS B 269 16.98 0.84 11.51
N ILE B 270 18.04 0.16 11.98
CA ILE B 270 18.64 0.57 13.24
C ILE B 270 19.31 1.93 13.10
N HIS B 271 19.70 2.32 11.90
CA HIS B 271 20.25 3.66 11.72
C HIS B 271 19.19 4.71 11.99
N THR B 272 17.96 4.44 11.54
CA THR B 272 16.87 5.34 11.86
C THR B 272 16.62 5.37 13.37
N ASP B 273 16.80 4.23 14.04
CA ASP B 273 16.58 4.19 15.49
C ASP B 273 17.62 5.03 16.22
N VAL B 274 18.90 4.92 15.81
CA VAL B 274 19.93 5.76 16.42
C VAL B 274 19.67 7.23 16.09
N SER B 275 19.32 7.52 14.84
CA SER B 275 19.00 8.88 14.43
C SER B 275 17.91 9.47 15.32
N TYR B 276 16.87 8.67 15.60
CA TYR B 276 15.76 9.15 16.42
C TYR B 276 16.23 9.47 17.84
N ILE B 277 17.00 8.59 18.45
CA ILE B 277 17.45 8.84 19.81
C ILE B 277 18.41 10.03 19.85
N ALA B 278 19.31 10.11 18.86
CA ALA B 278 20.20 11.27 18.78
C ALA B 278 19.41 12.56 18.62
N CYS B 279 18.36 12.54 17.81
CA CYS B 279 17.59 13.76 17.62
C CYS B 279 16.76 14.09 18.86
N ALA B 280 16.25 13.08 19.54
CA ALA B 280 15.54 13.31 20.80
C ALA B 280 16.45 13.97 21.84
N ALA B 281 17.71 13.55 21.90
CA ALA B 281 18.65 14.19 22.81
C ALA B 281 18.82 15.66 22.47
N LYS B 282 18.89 15.97 21.18
CA LYS B 282 19.03 17.37 20.76
C LYS B 282 17.79 18.17 21.17
N LEU B 283 16.61 17.60 20.94
CA LEU B 283 15.35 18.26 21.31
C LEU B 283 15.21 18.44 22.81
N LEU B 284 15.61 17.43 23.58
CA LEU B 284 15.40 17.49 25.03
C LEU B 284 16.31 18.51 25.70
N ALA B 285 17.35 18.96 25.02
CA ALA B 285 18.24 19.99 25.52
C ALA B 285 17.77 21.38 25.13
N ALA B 286 16.67 21.49 24.38
CA ALA B 286 16.17 22.75 23.86
C ALA B 286 14.71 22.98 24.25
N THR B 287 14.22 22.33 25.30
CA THR B 287 12.81 22.45 25.62
C THR B 287 12.41 23.85 26.05
N ASP B 288 13.37 24.75 26.33
CA ASP B 288 13.02 26.15 26.53
C ASP B 288 12.44 26.79 25.27
N VAL B 289 12.87 26.38 24.09
CA VAL B 289 12.43 27.04 22.87
C VAL B 289 11.70 26.12 21.91
N VAL B 290 11.69 24.80 22.14
CA VAL B 290 10.85 23.91 21.36
C VAL B 290 10.09 23.00 22.32
N PHE B 291 8.99 22.47 21.83
CA PHE B 291 8.17 21.52 22.56
C PHE B 291 8.30 20.18 21.89
N PRO B 292 9.19 19.29 22.36
CA PRO B 292 9.40 18.02 21.66
C PRO B 292 8.22 17.09 21.81
N GLN B 293 7.85 16.49 20.69
CA GLN B 293 6.70 15.59 20.59
C GLN B 293 7.25 14.29 20.00
N PHE B 294 7.39 13.28 20.85
CA PHE B 294 8.06 12.05 20.46
C PHE B 294 7.03 11.06 19.97
N ALA B 295 6.87 11.01 18.66
CA ALA B 295 5.89 10.12 18.04
C ALA B 295 6.55 8.78 17.82
N THR B 296 6.15 7.78 18.59
CA THR B 296 6.67 6.45 18.36
C THR B 296 5.71 5.45 18.97
N HIS B 297 5.67 4.25 18.39
CA HIS B 297 4.97 3.13 19.01
C HIS B 297 5.95 2.09 19.48
N ASN B 298 7.22 2.43 19.51
CA ASN B 298 8.29 1.49 19.84
C ASN B 298 8.58 1.68 21.32
N ALA B 299 8.30 0.65 22.11
CA ALA B 299 8.44 0.77 23.55
C ALA B 299 9.88 0.98 23.94
N GLN B 300 10.81 0.47 23.15
CA GLN B 300 12.22 0.66 23.44
C GLN B 300 12.63 2.10 23.19
N THR B 301 12.20 2.65 22.06
CA THR B 301 12.42 4.06 21.80
C THR B 301 11.82 4.91 22.90
N LEU B 302 10.58 4.61 23.28
CA LEU B 302 9.89 5.40 24.28
C LEU B 302 10.62 5.35 25.61
N ALA B 303 10.98 4.14 26.06
CA ALA B 303 11.73 4.02 27.31
C ALA B 303 13.02 4.81 27.27
N ALA B 304 13.73 4.76 26.14
CA ALA B 304 15.01 5.46 26.04
C ALA B 304 14.82 6.95 26.23
N ILE B 305 13.84 7.54 25.53
CA ILE B 305 13.58 8.96 25.66
C ILE B 305 13.10 9.30 27.07
N TYR B 306 12.20 8.48 27.61
CA TYR B 306 11.66 8.69 28.95
C TYR B 306 12.79 8.90 29.96
N HIS B 307 13.80 8.05 29.93
CA HIS B 307 14.88 8.18 30.89
C HIS B 307 15.90 9.22 30.45
N MET B 308 16.01 9.46 29.15
CA MET B 308 16.91 10.51 28.69
C MET B 308 16.44 11.88 29.14
N ALA B 309 15.14 12.08 29.25
CA ALA B 309 14.60 13.39 29.61
C ALA B 309 14.86 13.76 31.07
N GLY B 310 15.30 12.82 31.89
CA GLY B 310 15.51 13.10 33.30
C GLY B 310 14.26 12.92 34.13
N LYS B 311 14.38 13.24 35.41
CA LYS B 311 13.30 13.05 36.37
C LYS B 311 12.41 14.29 36.52
N ASP B 312 12.86 15.45 36.08
CA ASP B 312 12.03 16.65 36.18
C ASP B 312 11.05 16.65 35.01
N PHE B 313 9.76 16.72 35.31
CA PHE B 313 8.79 16.78 34.22
C PHE B 313 7.60 17.64 34.64
N HIS B 314 7.05 18.34 33.65
CA HIS B 314 5.78 19.03 33.81
C HIS B 314 5.11 19.00 32.45
N VAL B 315 3.77 19.00 32.44
CA VAL B 315 3.07 19.05 31.17
C VAL B 315 3.45 20.34 30.47
N GLY B 316 3.80 20.23 29.20
CA GLY B 316 4.38 21.30 28.44
C GLY B 316 5.86 21.16 28.22
N LYS B 317 6.52 20.29 28.99
CA LYS B 317 7.94 20.07 28.76
C LYS B 317 8.16 19.33 27.44
N TYR B 318 7.57 18.15 27.31
CA TYR B 318 7.56 17.37 26.08
C TYR B 318 6.35 16.47 26.17
N GLU B 319 6.07 15.76 25.07
CA GLU B 319 5.03 14.75 25.13
C GLU B 319 5.41 13.61 24.21
N PHE B 320 4.73 12.49 24.39
CA PHE B 320 4.77 11.42 23.41
C PHE B 320 3.56 11.57 22.50
N GLN B 321 3.63 10.91 21.34
CA GLN B 321 2.50 10.89 20.42
C GLN B 321 2.38 9.50 19.80
N CYS B 322 1.15 9.15 19.43
CA CYS B 322 0.90 7.87 18.79
C CYS B 322 -0.24 8.05 17.80
N LEU B 323 -0.35 7.10 16.88
CA LEU B 323 -1.46 7.05 15.94
C LEU B 323 -2.61 6.26 16.55
N HIS B 324 -3.82 6.79 16.38
CA HIS B 324 -5.02 6.07 16.79
C HIS B 324 -5.02 4.68 16.17
N GLY B 325 -5.44 3.69 16.97
CA GLY B 325 -5.48 2.31 16.53
C GLY B 325 -4.15 1.58 16.64
N MET B 326 -3.07 2.28 16.95
CA MET B 326 -1.76 1.68 17.14
C MET B 326 -1.20 1.91 18.54
N GLY B 327 -1.34 3.10 19.09
CA GLY B 327 -0.56 3.46 20.26
C GLY B 327 -1.26 3.35 21.60
N GLU B 328 -2.60 3.28 21.60
CA GLU B 328 -3.31 3.33 22.88
C GLU B 328 -2.94 2.19 23.81
N PRO B 329 -2.70 0.96 23.37
CA PRO B 329 -2.25 -0.05 24.32
C PRO B 329 -0.91 0.28 24.94
N LEU B 330 0.07 0.71 24.14
CA LEU B 330 1.36 1.07 24.69
C LEU B 330 1.24 2.25 25.64
N TYR B 331 0.52 3.29 25.23
CA TYR B 331 0.49 4.49 26.05
C TYR B 331 -0.51 4.41 27.20
N GLU B 332 -1.42 3.45 27.17
CA GLU B 332 -2.12 3.11 28.40
C GLU B 332 -1.15 2.71 29.50
N GLU B 333 0.06 2.28 29.13
CA GLU B 333 1.08 1.93 30.12
C GLU B 333 2.01 3.10 30.40
N VAL B 334 1.68 4.28 29.89
CA VAL B 334 2.56 5.44 29.95
C VAL B 334 1.87 6.61 30.64
N VAL B 335 0.65 6.92 30.22
CA VAL B 335 -0.10 8.07 30.69
C VAL B 335 -0.64 7.79 32.08
N GLY B 336 -0.55 8.77 32.96
CA GLY B 336 -1.17 8.53 34.26
C GLY B 336 -0.14 8.35 35.36
N ARG B 337 -0.51 8.80 36.56
CA ARG B 337 0.41 8.76 37.70
C ARG B 337 0.86 7.34 38.02
N GLY B 338 -0.02 6.36 37.88
CA GLY B 338 0.35 4.99 38.17
C GLY B 338 1.34 4.38 37.20
N LYS B 339 1.44 4.94 36.00
CA LYS B 339 2.32 4.42 34.97
C LYS B 339 3.60 5.25 34.89
N LEU B 340 3.90 5.82 33.72
CA LEU B 340 5.09 6.65 33.58
C LEU B 340 4.81 8.12 33.81
N ASP B 341 3.54 8.52 33.88
CA ASP B 341 3.15 9.90 34.19
C ASP B 341 3.66 10.86 33.13
N ARG B 342 3.59 10.40 31.88
CA ARG B 342 3.95 11.24 30.76
C ARG B 342 2.77 11.31 29.80
N PRO B 343 2.50 12.48 29.23
CA PRO B 343 1.36 12.63 28.33
C PRO B 343 1.63 12.03 26.95
N CYS B 344 0.53 11.74 26.27
CA CYS B 344 0.61 11.22 24.92
C CYS B 344 -0.53 11.83 24.13
N ARG B 345 -0.20 12.40 22.97
CA ARG B 345 -1.20 12.93 22.07
C ARG B 345 -1.51 11.89 20.99
N ILE B 346 -2.77 11.51 20.90
CA ILE B 346 -3.22 10.55 19.90
C ILE B 346 -3.51 11.29 18.60
N TYR B 347 -2.87 10.86 17.52
CA TYR B 347 -3.18 11.37 16.18
C TYR B 347 -4.44 10.67 15.68
N ALA B 348 -5.44 11.46 15.30
CA ALA B 348 -6.76 10.93 14.94
C ALA B 348 -7.09 11.31 13.51
N PRO B 349 -6.95 10.39 12.56
CA PRO B 349 -7.38 10.69 11.19
C PRO B 349 -8.90 10.73 11.11
N VAL B 350 -9.40 11.69 10.36
CA VAL B 350 -10.83 11.88 10.15
C VAL B 350 -11.10 11.84 8.65
N GLY B 351 -12.07 11.05 8.24
CA GLY B 351 -12.42 11.00 6.84
C GLY B 351 -13.14 9.72 6.48
N THR B 352 -13.46 9.62 5.19
CA THR B 352 -14.13 8.44 4.64
C THR B 352 -13.08 7.43 4.17
N HIS B 353 -13.34 6.74 3.06
CA HIS B 353 -12.39 5.77 2.53
C HIS B 353 -11.36 6.41 1.60
N GLU B 354 -11.75 7.43 0.85
CA GLU B 354 -10.80 8.12 -0.02
C GLU B 354 -9.84 8.95 0.82
N THR B 355 -8.56 8.89 0.42
CA THR B 355 -7.39 9.47 1.12
C THR B 355 -7.02 8.64 2.33
N LEU B 356 -8.01 8.00 2.97
CA LEU B 356 -7.71 7.11 4.09
C LEU B 356 -6.95 5.88 3.60
N LEU B 357 -7.33 5.35 2.43
CA LEU B 357 -6.64 4.18 1.87
C LEU B 357 -5.15 4.43 1.72
N ALA B 358 -4.76 5.63 1.27
CA ALA B 358 -3.34 5.96 1.18
C ALA B 358 -2.69 5.99 2.55
N TYR B 359 -3.40 6.49 3.56
CA TYR B 359 -2.92 6.40 4.93
C TYR B 359 -2.86 4.94 5.39
N LEU B 360 -3.88 4.16 5.07
CA LEU B 360 -3.93 2.76 5.48
C LEU B 360 -2.80 1.96 4.84
N VAL B 361 -2.43 2.28 3.60
CA VAL B 361 -1.29 1.62 2.96
C VAL B 361 -0.02 1.89 3.74
N ARG B 362 0.20 3.16 4.11
CA ARG B 362 1.36 3.48 4.94
C ARG B 362 1.29 2.76 6.28
N ARG B 363 0.08 2.61 6.84
CA ARG B 363 -0.06 1.82 8.07
C ARG B 363 0.23 0.35 7.80
N LEU B 364 -0.18 -0.16 6.65
CA LEU B 364 0.11 -1.54 6.32
C LEU B 364 1.61 -1.75 6.15
N LEU B 365 2.28 -0.83 5.44
CA LEU B 365 3.72 -0.98 5.28
C LEU B 365 4.44 -0.87 6.61
N GLU B 366 3.86 -0.11 7.54
CA GLU B 366 4.42 0.05 8.87
C GLU B 366 4.12 -1.16 9.75
N ASN B 367 2.87 -1.62 9.76
CA ASN B 367 2.48 -2.70 10.64
C ASN B 367 2.93 -4.07 10.15
N GLY B 368 3.27 -4.20 8.86
CA GLY B 368 3.58 -5.49 8.28
C GLY B 368 5.05 -5.77 8.04
N ALA B 369 5.89 -4.75 8.17
CA ALA B 369 7.31 -4.92 7.88
C ALA B 369 8.02 -5.69 9.01
N ASN B 370 8.91 -6.59 8.61
CA ASN B 370 9.60 -7.46 9.56
C ASN B 370 10.47 -6.67 10.53
N SER B 371 10.87 -5.45 10.16
CA SER B 371 11.67 -4.59 11.01
C SER B 371 10.84 -3.72 11.95
N SER B 372 9.53 -3.61 11.73
CA SER B 372 8.70 -2.76 12.57
C SER B 372 8.49 -3.35 13.94
N PHE B 373 8.61 -2.51 14.96
CA PHE B 373 8.33 -2.91 16.34
C PHE B 373 6.96 -3.54 16.49
N VAL B 374 5.94 -2.91 15.91
CA VAL B 374 4.58 -3.41 16.09
C VAL B 374 4.39 -4.75 15.41
N HIS B 375 5.22 -5.08 14.41
CA HIS B 375 5.21 -6.43 13.86
C HIS B 375 6.02 -7.38 14.75
N ARG B 376 7.20 -6.93 15.18
CA ARG B 376 8.06 -7.78 15.99
C ARG B 376 7.43 -8.12 17.32
N ILE B 377 6.66 -7.19 17.89
CA ILE B 377 6.05 -7.48 19.18
C ILE B 377 5.05 -8.65 19.05
N ASN B 378 4.49 -8.85 17.86
CA ASN B 378 3.59 -9.98 17.63
C ASN B 378 4.28 -11.17 16.99
N ASP B 379 5.59 -11.12 16.77
CA ASP B 379 6.29 -12.22 16.12
C ASP B 379 6.79 -13.21 17.15
N PRO B 380 6.41 -14.49 17.08
CA PRO B 380 6.89 -15.47 18.06
C PRO B 380 8.40 -15.67 18.05
N LYS B 381 9.07 -15.49 16.92
CA LYS B 381 10.51 -15.72 16.84
C LYS B 381 11.33 -14.59 17.46
N VAL B 382 10.73 -13.44 17.73
CA VAL B 382 11.45 -12.29 18.28
C VAL B 382 11.25 -12.29 19.79
N SER B 383 12.36 -12.32 20.52
CA SER B 383 12.31 -12.35 21.98
C SER B 383 12.21 -10.94 22.55
N ILE B 384 11.75 -10.87 23.80
CA ILE B 384 11.74 -9.61 24.51
C ILE B 384 13.15 -9.05 24.64
N ASP B 385 14.14 -9.94 24.69
CA ASP B 385 15.55 -9.52 24.71
C ASP B 385 15.85 -8.66 23.50
N GLU B 386 15.47 -9.12 22.31
CA GLU B 386 15.75 -8.34 21.10
C GLU B 386 14.94 -7.06 21.09
N LEU B 387 13.74 -7.09 21.67
CA LEU B 387 12.87 -5.94 21.63
C LEU B 387 13.35 -4.80 22.53
N ILE B 388 13.98 -5.13 23.66
CA ILE B 388 14.49 -4.10 24.55
C ILE B 388 15.95 -3.78 24.26
N ALA B 389 16.52 -4.37 23.21
CA ALA B 389 17.91 -4.13 22.86
C ALA B 389 18.12 -2.67 22.49
N ASP B 390 19.20 -2.09 23.01
CA ASP B 390 19.48 -0.69 22.75
C ASP B 390 20.15 -0.55 21.39
N PRO B 391 19.53 0.14 20.43
CA PRO B 391 20.16 0.27 19.10
C PRO B 391 21.46 1.05 19.10
N VAL B 392 21.69 1.93 20.09
CA VAL B 392 22.96 2.63 20.15
C VAL B 392 24.10 1.63 20.35
N GLU B 393 23.87 0.58 21.13
CA GLU B 393 24.91 -0.39 21.40
C GLU B 393 25.11 -1.36 20.25
N VAL B 394 24.02 -1.72 19.55
CA VAL B 394 24.15 -2.68 18.45
C VAL B 394 24.73 -2.01 17.21
N VAL B 395 24.47 -0.72 17.00
CA VAL B 395 25.04 0.01 15.88
C VAL B 395 26.53 0.31 16.14
#